data_3OAX
#
_entry.id   3OAX
#
_cell.length_a   96.990
_cell.length_b   96.990
_cell.length_c   149.800
_cell.angle_alpha   90.00
_cell.angle_beta   90.00
_cell.angle_gamma   90.00
#
_symmetry.space_group_name_H-M   'P 41'
#
loop_
_entity.id
_entity.type
_entity.pdbx_description
1 polymer Rhodopsin
2 branched beta-D-mannopyranose-(1-4)-2-acetamido-2-deoxy-beta-D-glucopyranose-(1-4)-2-acetamido-2-deoxy-beta-D-glucopyranose
3 branched 2-acetamido-2-deoxy-beta-D-glucopyranose-(1-4)-2-acetamido-2-deoxy-beta-D-glucopyranose
4 branched alpha-D-mannopyranose-(1-3)-beta-D-mannopyranose-(1-4)-2-acetamido-2-deoxy-beta-D-glucopyranose-(1-4)-2-acetamido-2-deoxy-beta-D-glucopyranose
5 non-polymer RETINAL
6 non-polymer 'PALMITIC ACID'
7 non-polymer 'MERCURY (II) ION'
8 non-polymer 'ZINC ION'
9 non-polymer (4E,6E)-hexadeca-1,4,6-triene
10 non-polymer 'heptyl 1-thio-beta-D-glucopyranoside'
11 non-polymer (3E)-4-(2,6,6-trimethylcyclohex-1-en-1-yl)but-3-en-2-one
12 non-polymer HEPTANE-1,2,3-TRIOL
13 water water
#
_entity_poly.entity_id   1
_entity_poly.type   'polypeptide(L)'
_entity_poly.pdbx_seq_one_letter_code
;(ACE)MNGTEGPNFYVPFSNKTGVVRSPFEAPQYYLAEPWQFSMLAAYMFLLIMLGFPINFLTLYVTVQHKKLRTPLNYI
LLNLAVADLFMVFGGFTTTLYTSLHGYFVFGPTGCNLEGFFATLGGEIALWSLVVLAIERYVVVCKPMSNFRFGENHAIM
GVAFTWVMALACAAPPLVGWSRYIPEGMQCSCGIDYYTPHEETNNESFVIYMFVVHFIIPLIVIFFCYGQLVFTVKEAAA
QQQESATTQKAEKEVTRMVIIMVIAFLICWLPYAGVAFYIFTHQGSDFGPIFMTIPAFFAKTSAVYNPVIYIMMNKQFRN
CMVTTLCCGKNPLGDDEASTTVSKTETSQVAPA
;
_entity_poly.pdbx_strand_id   A,B
#
# COMPACT_ATOMS: atom_id res chain seq x y z
N MET A 2 37.16 -12.58 13.46
CA MET A 2 36.40 -12.41 12.21
C MET A 2 35.18 -11.54 12.45
N ASN A 3 34.84 -10.69 11.48
CA ASN A 3 33.69 -9.79 11.62
C ASN A 3 32.36 -10.51 11.44
N GLY A 4 32.36 -11.62 10.71
CA GLY A 4 31.13 -12.37 10.50
C GLY A 4 31.30 -13.85 10.75
N THR A 5 30.24 -14.62 10.54
CA THR A 5 30.32 -16.07 10.73
C THR A 5 30.00 -16.76 9.44
N GLU A 6 31.03 -17.22 8.75
CA GLU A 6 30.86 -17.92 7.52
C GLU A 6 30.49 -19.35 7.79
N GLY A 7 29.50 -19.83 7.06
CA GLY A 7 29.07 -21.21 7.21
C GLY A 7 29.34 -21.84 5.87
N PRO A 8 29.19 -23.16 5.74
CA PRO A 8 29.47 -23.75 4.43
C PRO A 8 28.38 -23.41 3.44
N ASN A 9 27.27 -22.92 3.97
CA ASN A 9 26.06 -22.60 3.22
C ASN A 9 25.63 -21.16 3.36
N PHE A 10 26.24 -20.43 4.29
CA PHE A 10 25.79 -19.07 4.59
C PHE A 10 26.92 -18.15 5.02
N TYR A 11 26.54 -16.93 5.39
CA TYR A 11 27.45 -15.93 5.89
C TYR A 11 26.66 -14.96 6.74
N VAL A 12 26.63 -15.17 8.05
CA VAL A 12 25.89 -14.28 8.94
C VAL A 12 26.71 -13.05 9.26
N PRO A 13 26.14 -11.85 9.07
CA PRO A 13 26.79 -10.57 9.33
C PRO A 13 26.87 -10.23 10.82
N PHE A 14 27.37 -11.19 11.61
CA PHE A 14 27.47 -11.05 13.07
C PHE A 14 28.65 -11.86 13.54
N SER A 15 29.31 -11.41 14.60
CA SER A 15 30.46 -12.10 15.16
C SER A 15 30.00 -13.28 15.99
N ASN A 16 30.73 -14.39 15.97
CA ASN A 16 30.34 -15.54 16.79
C ASN A 16 31.30 -15.68 17.95
N LYS A 17 31.86 -14.56 18.39
CA LYS A 17 32.80 -14.55 19.50
C LYS A 17 32.09 -15.00 20.77
N THR A 18 30.78 -14.80 20.82
CA THR A 18 29.96 -15.20 21.99
C THR A 18 29.30 -16.55 21.72
N GLY A 19 29.69 -17.19 20.62
CA GLY A 19 29.12 -18.49 20.28
C GLY A 19 27.62 -18.53 20.20
N VAL A 20 26.98 -17.40 19.94
CA VAL A 20 25.53 -17.32 19.87
C VAL A 20 25.02 -17.39 18.42
N VAL A 21 25.89 -17.46 17.43
CA VAL A 21 25.44 -17.49 16.02
C VAL A 21 25.01 -18.88 15.58
N ARG A 22 23.86 -18.95 14.94
CA ARG A 22 23.31 -20.23 14.46
C ARG A 22 23.03 -20.18 12.97
N SER A 23 23.13 -21.33 12.30
CA SER A 23 22.87 -21.41 10.86
C SER A 23 21.51 -20.85 10.54
N PRO A 24 21.41 -20.00 9.52
CA PRO A 24 20.08 -19.46 9.20
C PRO A 24 19.16 -20.51 8.59
N PHE A 25 19.61 -21.76 8.54
CA PHE A 25 18.80 -22.87 8.01
C PHE A 25 18.45 -23.84 9.14
N GLU A 26 18.78 -23.49 10.38
CA GLU A 26 18.54 -24.39 11.50
C GLU A 26 17.89 -23.73 12.71
N ALA A 27 18.14 -22.44 12.95
CA ALA A 27 17.54 -21.81 14.12
C ALA A 27 17.22 -20.36 13.85
N PRO A 28 16.31 -19.75 14.64
CA PRO A 28 15.92 -18.34 14.46
C PRO A 28 17.14 -17.46 14.55
N GLN A 29 17.06 -16.24 14.03
CA GLN A 29 18.20 -15.33 14.05
C GLN A 29 17.93 -14.14 14.95
N TYR A 30 16.97 -14.28 15.85
CA TYR A 30 16.60 -13.19 16.77
C TYR A 30 17.78 -12.66 17.56
N TYR A 31 18.93 -13.34 17.52
CA TYR A 31 20.08 -12.83 18.25
C TYR A 31 20.72 -11.71 17.42
N LEU A 32 20.30 -11.58 16.17
CA LEU A 32 20.82 -10.54 15.26
C LEU A 32 20.04 -9.26 15.42
N ALA A 33 18.79 -9.37 15.86
CA ALA A 33 17.92 -8.21 16.01
C ALA A 33 16.77 -8.52 16.91
N GLU A 34 15.97 -7.50 17.21
CA GLU A 34 14.81 -7.65 18.07
C GLU A 34 13.77 -8.53 17.40
N PRO A 35 13.05 -9.35 18.18
CA PRO A 35 12.03 -10.20 17.56
C PRO A 35 10.88 -9.42 16.90
N TRP A 36 10.64 -8.19 17.34
CA TRP A 36 9.56 -7.39 16.76
C TRP A 36 9.93 -6.94 15.38
N GLN A 37 11.23 -6.82 15.14
CA GLN A 37 11.71 -6.39 13.84
C GLN A 37 11.45 -7.49 12.82
N PHE A 38 11.48 -8.76 13.23
CA PHE A 38 11.19 -9.84 12.29
C PHE A 38 9.71 -9.82 12.00
N SER A 39 8.91 -9.42 12.98
CA SER A 39 7.44 -9.33 12.80
C SER A 39 7.16 -8.22 11.82
N MET A 40 8.00 -7.19 11.84
CA MET A 40 7.88 -6.05 10.93
C MET A 40 7.99 -6.58 9.52
N LEU A 41 9.05 -7.34 9.28
CA LEU A 41 9.30 -7.91 7.97
C LEU A 41 8.12 -8.76 7.55
N ALA A 42 7.58 -9.56 8.47
CA ALA A 42 6.47 -10.44 8.19
C ALA A 42 5.23 -9.64 7.86
N ALA A 43 4.90 -8.64 8.65
CA ALA A 43 3.73 -7.81 8.36
C ALA A 43 3.88 -7.17 6.98
N TYR A 44 5.07 -6.63 6.73
CA TYR A 44 5.40 -5.97 5.48
C TYR A 44 5.16 -6.92 4.29
N MET A 45 5.70 -8.13 4.35
CA MET A 45 5.53 -9.09 3.25
C MET A 45 4.07 -9.46 3.10
N PHE A 46 3.36 -9.58 4.21
CA PHE A 46 1.94 -9.90 4.16
C PHE A 46 1.27 -8.86 3.31
N LEU A 47 1.49 -7.59 3.64
CA LEU A 47 0.90 -6.45 2.92
C LEU A 47 1.31 -6.41 1.45
N LEU A 48 2.57 -6.72 1.14
CA LEU A 48 3.04 -6.73 -0.26
C LEU A 48 2.30 -7.81 -1.06
N ILE A 49 2.10 -8.98 -0.46
CA ILE A 49 1.40 -10.07 -1.12
C ILE A 49 -0.04 -9.66 -1.34
N MET A 50 -0.64 -9.07 -0.31
CA MET A 50 -2.04 -8.66 -0.41
C MET A 50 -2.19 -7.56 -1.47
N LEU A 51 -1.15 -6.77 -1.70
CA LEU A 51 -1.20 -5.69 -2.71
C LEU A 51 -0.79 -6.24 -4.05
N GLY A 52 0.32 -6.98 -4.06
CA GLY A 52 0.84 -7.56 -5.28
C GLY A 52 -0.05 -8.53 -6.05
N PHE A 53 -0.72 -9.44 -5.35
CA PHE A 53 -1.55 -10.42 -6.04
C PHE A 53 -2.68 -9.78 -6.83
N PRO A 54 -3.65 -9.14 -6.15
CA PRO A 54 -4.75 -8.53 -6.88
C PRO A 54 -4.38 -7.46 -7.91
N ILE A 55 -3.35 -6.66 -7.65
CA ILE A 55 -2.97 -5.60 -8.58
C ILE A 55 -2.42 -6.19 -9.86
N ASN A 56 -1.62 -7.23 -9.75
CA ASN A 56 -1.03 -7.86 -10.93
C ASN A 56 -2.02 -8.75 -11.64
N PHE A 57 -2.81 -9.51 -10.88
CA PHE A 57 -3.80 -10.38 -11.48
C PHE A 57 -4.78 -9.54 -12.28
N LEU A 58 -5.25 -8.44 -11.70
CA LEU A 58 -6.20 -7.54 -12.36
C LEU A 58 -5.59 -7.00 -13.63
N THR A 59 -4.32 -6.60 -13.58
CA THR A 59 -3.63 -6.08 -14.76
C THR A 59 -3.58 -7.15 -15.83
N LEU A 60 -3.38 -8.39 -15.39
CA LEU A 60 -3.31 -9.54 -16.29
C LEU A 60 -4.66 -9.80 -16.92
N TYR A 61 -5.70 -9.76 -16.10
CA TYR A 61 -7.06 -10.03 -16.53
C TYR A 61 -7.57 -8.99 -17.54
N VAL A 62 -7.40 -7.70 -17.25
CA VAL A 62 -7.90 -6.68 -18.17
C VAL A 62 -7.19 -6.77 -19.52
N THR A 63 -5.88 -7.01 -19.53
CA THR A 63 -5.16 -7.08 -20.80
C THR A 63 -5.71 -8.20 -21.66
N VAL A 64 -6.01 -9.34 -21.06
CA VAL A 64 -6.52 -10.47 -21.82
C VAL A 64 -7.96 -10.26 -22.27
N GLN A 65 -8.81 -9.79 -21.38
CA GLN A 65 -10.23 -9.58 -21.70
C GLN A 65 -10.44 -8.54 -22.80
N HIS A 66 -9.46 -7.67 -23.05
CA HIS A 66 -9.65 -6.63 -24.07
C HIS A 66 -8.80 -6.84 -25.31
N LYS A 67 -9.40 -7.45 -26.33
CA LYS A 67 -8.76 -7.80 -27.61
C LYS A 67 -7.86 -6.72 -28.20
N LYS A 68 -8.30 -5.47 -28.21
CA LYS A 68 -7.51 -4.40 -28.84
C LYS A 68 -6.31 -3.95 -28.00
N LEU A 69 -6.13 -4.49 -26.80
CA LEU A 69 -4.95 -4.12 -25.99
C LEU A 69 -3.82 -5.00 -26.43
N ARG A 70 -3.23 -4.72 -27.60
CA ARG A 70 -2.17 -5.57 -28.10
C ARG A 70 -0.95 -4.79 -28.62
N THR A 71 -0.68 -3.61 -28.08
CA THR A 71 0.50 -2.85 -28.49
C THR A 71 1.69 -3.51 -27.83
N PRO A 72 2.92 -3.09 -28.17
CA PRO A 72 4.07 -3.73 -27.52
C PRO A 72 4.07 -3.39 -26.02
N LEU A 73 3.57 -2.20 -25.69
CA LEU A 73 3.49 -1.76 -24.31
C LEU A 73 2.54 -2.64 -23.53
N ASN A 74 1.40 -2.98 -24.12
CA ASN A 74 0.41 -3.82 -23.45
C ASN A 74 0.97 -5.21 -23.24
N TYR A 75 1.91 -5.64 -24.08
CA TYR A 75 2.51 -6.98 -23.95
C TYR A 75 3.51 -6.97 -22.80
N ILE A 76 4.41 -5.99 -22.81
CA ILE A 76 5.43 -5.88 -21.80
C ILE A 76 4.84 -5.81 -20.39
N LEU A 77 3.75 -5.06 -20.23
CA LEU A 77 3.15 -4.95 -18.91
C LEU A 77 2.40 -6.22 -18.55
N LEU A 78 1.87 -6.92 -19.54
CA LEU A 78 1.21 -8.18 -19.23
C LEU A 78 2.29 -9.11 -18.71
N ASN A 79 3.43 -9.09 -19.40
CA ASN A 79 4.59 -9.91 -19.05
C ASN A 79 5.07 -9.53 -17.65
N LEU A 80 5.10 -8.25 -17.33
CA LEU A 80 5.53 -7.78 -16.01
C LEU A 80 4.61 -8.28 -14.92
N ALA A 81 3.31 -8.17 -15.11
CA ALA A 81 2.36 -8.64 -14.10
C ALA A 81 2.56 -10.11 -13.87
N VAL A 82 2.84 -10.85 -14.94
CA VAL A 82 3.06 -12.28 -14.81
C VAL A 82 4.28 -12.51 -13.94
N ALA A 83 5.37 -11.83 -14.25
CA ALA A 83 6.61 -11.95 -13.51
C ALA A 83 6.37 -11.57 -12.07
N ASP A 84 5.59 -10.52 -11.86
CA ASP A 84 5.27 -10.04 -10.52
C ASP A 84 4.50 -11.10 -9.75
N LEU A 85 3.59 -11.81 -10.41
CA LEU A 85 2.81 -12.86 -9.73
C LEU A 85 3.71 -14.02 -9.31
N PHE A 86 4.75 -14.32 -10.11
CA PHE A 86 5.70 -15.39 -9.74
C PHE A 86 6.50 -14.91 -8.54
N MET A 87 6.75 -13.61 -8.47
CA MET A 87 7.47 -13.05 -7.32
C MET A 87 6.62 -13.23 -6.08
N VAL A 88 5.37 -12.81 -6.16
CA VAL A 88 4.45 -12.90 -5.03
C VAL A 88 4.28 -14.34 -4.56
N PHE A 89 3.90 -15.25 -5.45
CA PHE A 89 3.66 -16.65 -5.04
C PHE A 89 4.92 -17.47 -5.07
N GLY A 90 5.85 -17.14 -5.95
CA GLY A 90 7.08 -17.90 -6.03
C GLY A 90 8.04 -17.66 -4.88
N GLY A 91 8.30 -16.40 -4.57
CA GLY A 91 9.23 -16.09 -3.50
C GLY A 91 8.69 -15.43 -2.26
N PHE A 92 7.79 -14.46 -2.41
CA PHE A 92 7.23 -13.73 -1.26
C PHE A 92 6.54 -14.65 -0.26
N THR A 93 5.99 -15.75 -0.73
CA THR A 93 5.32 -16.67 0.16
C THR A 93 6.36 -17.27 1.12
N THR A 94 7.56 -17.51 0.61
CA THR A 94 8.62 -18.07 1.45
C THR A 94 9.25 -17.00 2.31
N THR A 95 9.47 -15.79 1.75
CA THR A 95 10.08 -14.75 2.55
C THR A 95 9.16 -14.39 3.72
N LEU A 96 7.85 -14.55 3.54
CA LEU A 96 6.90 -14.27 4.64
C LEU A 96 6.95 -15.40 5.64
N TYR A 97 7.06 -16.62 5.15
CA TYR A 97 7.12 -17.78 6.00
C TYR A 97 8.40 -17.76 6.80
N THR A 98 9.49 -17.33 6.16
CA THR A 98 10.80 -17.26 6.79
C THR A 98 10.83 -16.22 7.88
N SER A 99 10.40 -15.01 7.53
CA SER A 99 10.35 -13.90 8.46
C SER A 99 9.55 -14.29 9.68
N LEU A 100 8.47 -15.05 9.49
CA LEU A 100 7.61 -15.45 10.60
C LEU A 100 8.34 -16.35 11.58
N HIS A 101 9.35 -17.07 11.11
CA HIS A 101 10.09 -17.99 11.98
C HIS A 101 11.48 -17.48 12.30
N GLY A 102 11.88 -16.35 11.73
CA GLY A 102 13.20 -15.82 12.00
C GLY A 102 14.34 -16.56 11.33
N TYR A 103 14.05 -17.34 10.29
CA TYR A 103 15.08 -18.09 9.53
C TYR A 103 14.43 -18.96 8.48
N PHE A 104 15.23 -19.48 7.55
CA PHE A 104 14.74 -20.31 6.48
C PHE A 104 14.45 -21.72 6.95
N VAL A 105 13.24 -21.97 7.45
CA VAL A 105 12.92 -23.31 7.91
C VAL A 105 12.97 -24.27 6.73
N PHE A 106 12.68 -23.78 5.52
CA PHE A 106 12.71 -24.66 4.35
C PHE A 106 14.13 -24.88 3.86
N GLY A 107 15.12 -24.57 4.69
CA GLY A 107 16.49 -24.78 4.27
C GLY A 107 16.89 -24.14 2.95
N PRO A 108 18.00 -24.59 2.35
CA PRO A 108 18.45 -24.01 1.08
C PRO A 108 17.44 -23.96 -0.05
N THR A 109 16.43 -24.82 -0.01
CA THR A 109 15.40 -24.80 -1.05
C THR A 109 14.58 -23.52 -0.93
N GLY A 110 14.17 -23.19 0.28
CA GLY A 110 13.41 -21.98 0.49
C GLY A 110 14.22 -20.77 0.08
N CYS A 111 15.53 -20.83 0.29
CA CYS A 111 16.46 -19.73 -0.06
C CYS A 111 16.53 -19.59 -1.55
N ASN A 112 16.51 -20.71 -2.28
CA ASN A 112 16.58 -20.65 -3.73
C ASN A 112 15.31 -20.07 -4.29
N LEU A 113 14.16 -20.45 -3.73
CA LEU A 113 12.88 -19.92 -4.19
C LEU A 113 12.84 -18.42 -3.98
N GLU A 114 13.16 -17.99 -2.77
CA GLU A 114 13.17 -16.56 -2.37
C GLU A 114 14.08 -15.76 -3.29
N GLY A 115 15.31 -16.22 -3.49
CA GLY A 115 16.26 -15.50 -4.32
C GLY A 115 16.02 -15.59 -5.81
N PHE A 116 15.69 -16.78 -6.29
CA PHE A 116 15.46 -16.97 -7.71
C PHE A 116 14.33 -16.10 -8.21
N PHE A 117 13.22 -16.06 -7.49
CA PHE A 117 12.07 -15.30 -7.97
C PHE A 117 12.24 -13.80 -7.86
N ALA A 118 12.98 -13.32 -6.87
CA ALA A 118 13.17 -11.88 -6.76
C ALA A 118 14.07 -11.43 -7.87
N THR A 119 15.09 -12.24 -8.16
CA THR A 119 16.05 -11.94 -9.21
C THR A 119 15.33 -11.99 -10.54
N LEU A 120 14.67 -13.11 -10.81
CA LEU A 120 13.92 -13.28 -12.06
C LEU A 120 13.06 -12.06 -12.30
N GLY A 121 12.24 -11.71 -11.32
CA GLY A 121 11.35 -10.56 -11.46
C GLY A 121 12.04 -9.25 -11.71
N GLY A 122 13.09 -8.97 -10.94
CA GLY A 122 13.81 -7.72 -11.10
C GLY A 122 14.48 -7.62 -12.46
N GLU A 123 15.03 -8.74 -12.93
CA GLU A 123 15.71 -8.79 -14.22
C GLU A 123 14.72 -8.78 -15.37
N ILE A 124 13.60 -9.47 -15.24
CA ILE A 124 12.61 -9.45 -16.32
C ILE A 124 12.20 -8.01 -16.54
N ALA A 125 12.16 -7.23 -15.46
CA ALA A 125 11.78 -5.82 -15.56
C ALA A 125 12.90 -5.02 -16.17
N LEU A 126 14.14 -5.29 -15.77
CA LEU A 126 15.28 -4.54 -16.31
C LEU A 126 15.35 -4.76 -17.81
N TRP A 127 15.22 -6.01 -18.23
CA TRP A 127 15.29 -6.29 -19.65
C TRP A 127 14.05 -5.81 -20.36
N SER A 128 12.90 -5.82 -19.69
CA SER A 128 11.68 -5.33 -20.32
C SER A 128 11.88 -3.87 -20.62
N LEU A 129 12.65 -3.17 -19.80
CA LEU A 129 12.92 -1.73 -20.00
C LEU A 129 13.76 -1.54 -21.25
N VAL A 130 14.69 -2.46 -21.50
CA VAL A 130 15.54 -2.40 -22.69
C VAL A 130 14.64 -2.46 -23.91
N VAL A 131 13.80 -3.49 -23.96
CA VAL A 131 12.87 -3.68 -25.06
C VAL A 131 12.07 -2.41 -25.28
N LEU A 132 11.40 -1.96 -24.22
CA LEU A 132 10.59 -0.75 -24.27
C LEU A 132 11.41 0.41 -24.81
N ALA A 133 12.66 0.53 -24.38
CA ALA A 133 13.54 1.61 -24.84
C ALA A 133 13.78 1.48 -26.33
N ILE A 134 13.94 0.25 -26.81
CA ILE A 134 14.15 -0.02 -28.24
C ILE A 134 12.89 0.39 -28.99
N GLU A 135 11.77 -0.24 -28.64
CA GLU A 135 10.47 0.03 -29.26
C GLU A 135 10.20 1.52 -29.26
N ARG A 136 10.49 2.18 -28.15
CA ARG A 136 10.22 3.60 -28.06
C ARG A 136 11.12 4.34 -29.05
N TYR A 137 12.32 3.82 -29.28
CA TYR A 137 13.26 4.45 -30.21
C TYR A 137 12.76 4.29 -31.62
N VAL A 138 12.32 3.09 -31.94
CA VAL A 138 11.83 2.79 -33.27
C VAL A 138 10.59 3.57 -33.64
N VAL A 139 9.82 4.08 -32.69
CA VAL A 139 8.61 4.80 -33.08
C VAL A 139 8.81 6.30 -33.04
N VAL A 140 9.71 6.77 -32.19
CA VAL A 140 9.95 8.20 -32.10
C VAL A 140 10.93 8.65 -33.16
N CYS A 141 12.16 8.15 -33.09
CA CYS A 141 13.17 8.52 -34.08
C CYS A 141 12.89 7.80 -35.39
N LYS A 142 12.02 6.78 -35.30
CA LYS A 142 11.58 5.97 -36.43
C LYS A 142 12.72 5.68 -37.40
N PRO A 143 13.62 4.74 -37.05
CA PRO A 143 14.76 4.36 -37.89
C PRO A 143 14.38 3.87 -39.28
N MET A 144 13.15 3.42 -39.46
CA MET A 144 12.68 2.95 -40.77
C MET A 144 11.80 4.00 -41.41
N SER A 145 11.18 3.66 -42.54
CA SER A 145 10.29 4.58 -43.23
C SER A 145 8.85 4.17 -42.98
N ASN A 146 8.52 2.96 -43.39
CA ASN A 146 7.18 2.43 -43.21
C ASN A 146 7.26 1.14 -42.42
N PHE A 147 7.56 1.26 -41.12
CA PHE A 147 7.66 0.09 -40.25
C PHE A 147 6.78 0.25 -39.03
N ARG A 148 6.29 -0.89 -38.53
CA ARG A 148 5.43 -0.91 -37.36
C ARG A 148 5.57 -2.25 -36.67
N PHE A 149 5.77 -2.23 -35.35
CA PHE A 149 5.92 -3.47 -34.56
C PHE A 149 4.62 -4.24 -34.57
N GLY A 150 4.70 -5.56 -34.67
CA GLY A 150 3.50 -6.37 -34.66
C GLY A 150 3.46 -7.24 -33.42
N GLU A 151 2.32 -7.86 -33.15
CA GLU A 151 2.18 -8.72 -31.98
C GLU A 151 3.29 -9.74 -31.98
N ASN A 152 3.74 -10.11 -33.17
CA ASN A 152 4.81 -11.09 -33.29
C ASN A 152 6.08 -10.54 -32.66
N HIS A 153 6.49 -9.34 -33.06
CA HIS A 153 7.69 -8.71 -32.52
C HIS A 153 7.61 -8.58 -31.01
N ALA A 154 6.46 -8.15 -30.50
CA ALA A 154 6.24 -7.97 -29.07
C ALA A 154 6.46 -9.28 -28.34
N ILE A 155 5.91 -10.35 -28.88
CA ILE A 155 6.08 -11.65 -28.25
C ILE A 155 7.56 -12.00 -28.27
N MET A 156 8.29 -11.51 -29.25
CA MET A 156 9.72 -11.77 -29.34
C MET A 156 10.39 -11.06 -28.18
N GLY A 157 10.06 -9.78 -27.99
CA GLY A 157 10.63 -9.02 -26.91
C GLY A 157 10.40 -9.71 -25.58
N VAL A 158 9.18 -10.17 -25.37
CA VAL A 158 8.83 -10.85 -24.13
C VAL A 158 9.67 -12.10 -23.98
N ALA A 159 9.77 -12.90 -25.03
CA ALA A 159 10.57 -14.13 -24.97
C ALA A 159 12.01 -13.77 -24.64
N PHE A 160 12.44 -12.62 -25.13
CA PHE A 160 13.80 -12.11 -24.92
C PHE A 160 14.03 -11.83 -23.44
N THR A 161 13.16 -11.03 -22.81
CA THR A 161 13.34 -10.69 -21.40
C THR A 161 13.48 -11.94 -20.55
N TRP A 162 12.71 -12.98 -20.85
CA TRP A 162 12.79 -14.21 -20.07
C TRP A 162 14.11 -14.93 -20.32
N VAL A 163 14.57 -14.96 -21.57
CA VAL A 163 15.83 -15.62 -21.84
C VAL A 163 16.93 -14.92 -21.05
N MET A 164 16.96 -13.59 -21.12
CA MET A 164 17.99 -12.81 -20.42
C MET A 164 17.86 -12.97 -18.91
N ALA A 165 16.66 -12.85 -18.38
CA ALA A 165 16.46 -12.99 -16.92
C ALA A 165 16.90 -14.38 -16.48
N LEU A 166 16.46 -15.43 -17.17
CA LEU A 166 16.84 -16.80 -16.81
C LEU A 166 18.36 -16.94 -16.84
N ALA A 167 19.00 -16.30 -17.81
CA ALA A 167 20.46 -16.38 -17.93
C ALA A 167 21.13 -15.80 -16.70
N CYS A 168 20.39 -15.05 -15.89
CA CYS A 168 20.95 -14.42 -14.71
C CYS A 168 20.51 -15.11 -13.42
N ALA A 169 19.25 -15.54 -13.37
CA ALA A 169 18.71 -16.12 -12.14
C ALA A 169 18.91 -17.62 -12.02
N ALA A 170 19.06 -18.33 -13.12
CA ALA A 170 19.18 -19.80 -13.08
C ALA A 170 20.59 -20.30 -12.78
N PRO A 171 21.64 -19.66 -13.32
CA PRO A 171 22.97 -20.18 -13.02
C PRO A 171 23.17 -20.58 -11.57
N PRO A 172 22.75 -19.74 -10.61
CA PRO A 172 22.91 -20.03 -9.18
C PRO A 172 22.20 -21.29 -8.70
N LEU A 173 21.29 -21.83 -9.49
CA LEU A 173 20.58 -23.05 -9.07
C LEU A 173 21.33 -24.28 -9.55
N VAL A 174 22.31 -24.10 -10.43
CA VAL A 174 23.02 -25.24 -11.00
C VAL A 174 24.54 -25.13 -10.97
N GLY A 175 25.11 -24.57 -9.91
CA GLY A 175 26.55 -24.50 -9.83
C GLY A 175 27.31 -23.21 -10.06
N TRP A 176 26.72 -22.22 -10.71
CA TRP A 176 27.45 -20.97 -10.91
C TRP A 176 26.93 -19.99 -9.90
N SER A 177 27.72 -19.79 -8.84
CA SER A 177 27.36 -18.92 -7.73
C SER A 177 26.31 -19.68 -6.98
N ARG A 178 25.58 -19.01 -6.09
CA ARG A 178 24.54 -19.68 -5.31
C ARG A 178 23.71 -18.63 -4.59
N TYR A 179 22.52 -19.00 -4.13
CA TYR A 179 21.68 -18.05 -3.40
C TYR A 179 22.02 -18.21 -1.93
N ILE A 180 22.10 -17.10 -1.20
CA ILE A 180 22.50 -17.15 0.19
C ILE A 180 21.71 -16.11 1.00
N PRO A 181 21.38 -16.42 2.26
CA PRO A 181 20.62 -15.48 3.12
C PRO A 181 21.31 -14.16 3.36
N GLU A 182 20.56 -13.06 3.35
CA GLU A 182 21.15 -11.71 3.55
C GLU A 182 20.50 -10.97 4.70
N GLY A 183 21.14 -9.88 5.13
CA GLY A 183 20.61 -9.06 6.21
C GLY A 183 20.23 -9.85 7.43
N MET A 184 18.97 -9.73 7.85
CA MET A 184 18.47 -10.46 9.03
C MET A 184 18.32 -11.93 8.71
N GLN A 185 18.73 -12.31 7.49
CA GLN A 185 18.70 -13.69 7.00
C GLN A 185 17.30 -14.16 6.64
N CYS A 186 16.39 -13.24 6.32
CA CYS A 186 15.05 -13.65 5.97
C CYS A 186 14.77 -13.49 4.49
N SER A 187 15.80 -13.10 3.74
CA SER A 187 15.72 -12.97 2.28
C SER A 187 17.01 -13.55 1.74
N CYS A 188 17.02 -13.92 0.46
CA CYS A 188 18.19 -14.53 -0.13
C CYS A 188 18.60 -13.81 -1.38
N GLY A 189 19.90 -13.77 -1.65
CA GLY A 189 20.39 -13.10 -2.84
C GLY A 189 21.64 -13.77 -3.39
N ILE A 190 22.30 -13.13 -4.34
CA ILE A 190 23.51 -13.71 -4.93
C ILE A 190 24.63 -13.64 -3.91
N ASP A 191 25.52 -14.62 -3.94
CA ASP A 191 26.62 -14.66 -2.99
C ASP A 191 27.71 -13.63 -3.30
N TYR A 192 27.66 -12.50 -2.61
CA TYR A 192 28.67 -11.44 -2.77
C TYR A 192 29.57 -11.50 -1.55
N TYR A 193 29.20 -12.33 -0.59
CA TYR A 193 29.88 -12.42 0.69
C TYR A 193 31.12 -13.27 0.71
N THR A 194 31.11 -14.41 0.02
CA THR A 194 32.26 -15.32 0.05
C THR A 194 32.79 -15.59 -1.35
N PRO A 195 34.09 -15.94 -1.47
CA PRO A 195 34.68 -16.23 -2.78
C PRO A 195 34.32 -17.63 -3.28
N HIS A 196 33.93 -18.50 -2.35
CA HIS A 196 33.54 -19.90 -2.63
C HIS A 196 33.90 -20.29 -4.05
N GLU A 197 35.20 -20.47 -4.31
CA GLU A 197 35.71 -20.82 -5.64
C GLU A 197 35.04 -22.07 -6.13
N GLU A 198 34.70 -22.94 -5.18
CA GLU A 198 34.07 -24.23 -5.46
C GLU A 198 32.84 -24.07 -6.32
N THR A 199 32.34 -22.85 -6.47
CA THR A 199 31.13 -22.60 -7.24
C THR A 199 31.31 -21.33 -8.07
N ASN A 200 32.55 -20.86 -8.16
CA ASN A 200 32.93 -19.66 -8.93
C ASN A 200 32.05 -18.45 -8.66
N ASN A 201 31.94 -18.07 -7.38
CA ASN A 201 31.11 -16.95 -6.97
C ASN A 201 31.59 -15.63 -7.53
N GLU A 202 32.89 -15.41 -7.56
CA GLU A 202 33.43 -14.13 -8.03
C GLU A 202 33.12 -13.86 -9.51
N SER A 203 33.42 -14.80 -10.40
CA SER A 203 33.18 -14.58 -11.84
C SER A 203 31.71 -14.30 -12.10
N PHE A 204 30.81 -15.00 -11.42
CA PHE A 204 29.37 -14.77 -11.63
C PHE A 204 28.98 -13.35 -11.25
N VAL A 205 29.49 -12.83 -10.14
CA VAL A 205 29.13 -11.48 -9.68
C VAL A 205 29.52 -10.43 -10.70
N ILE A 206 30.72 -10.56 -11.26
CA ILE A 206 31.18 -9.60 -12.26
C ILE A 206 30.33 -9.74 -13.50
N TYR A 207 29.96 -10.98 -13.82
CA TYR A 207 29.12 -11.27 -14.96
C TYR A 207 27.75 -10.67 -14.74
N MET A 208 27.22 -10.76 -13.53
CA MET A 208 25.90 -10.22 -13.24
C MET A 208 25.89 -8.70 -13.32
N PHE A 209 26.88 -8.04 -12.72
CA PHE A 209 26.96 -6.57 -12.70
C PHE A 209 27.25 -5.99 -14.07
N VAL A 210 27.86 -6.76 -14.97
CA VAL A 210 28.17 -6.23 -16.29
C VAL A 210 27.09 -6.55 -17.30
N VAL A 211 26.80 -7.83 -17.52
CA VAL A 211 25.77 -8.23 -18.50
C VAL A 211 24.37 -7.90 -18.04
N HIS A 212 24.09 -7.99 -16.74
CA HIS A 212 22.73 -7.75 -16.27
C HIS A 212 22.53 -6.51 -15.44
N PHE A 213 23.30 -5.46 -15.68
CA PHE A 213 23.12 -4.23 -14.92
C PHE A 213 23.72 -3.06 -15.66
N ILE A 214 25.04 -3.04 -15.83
CA ILE A 214 25.71 -1.93 -16.50
C ILE A 214 25.34 -1.82 -17.97
N ILE A 215 25.52 -2.89 -18.74
CA ILE A 215 25.22 -2.86 -20.16
C ILE A 215 23.79 -2.40 -20.47
N PRO A 216 22.76 -3.09 -19.92
CA PRO A 216 21.37 -2.70 -20.17
C PRO A 216 21.07 -1.24 -19.86
N LEU A 217 21.64 -0.74 -18.75
CA LEU A 217 21.43 0.66 -18.37
C LEU A 217 22.09 1.58 -19.38
N ILE A 218 23.25 1.17 -19.91
CA ILE A 218 23.95 1.99 -20.92
C ILE A 218 23.03 2.13 -22.11
N VAL A 219 22.52 0.99 -22.60
CA VAL A 219 21.61 0.99 -23.73
C VAL A 219 20.48 1.94 -23.44
N ILE A 220 19.79 1.70 -22.32
CA ILE A 220 18.63 2.51 -21.90
C ILE A 220 18.93 4.00 -21.87
N PHE A 221 20.02 4.40 -21.21
CA PHE A 221 20.34 5.82 -21.12
C PHE A 221 20.83 6.40 -22.42
N PHE A 222 21.53 5.61 -23.22
CA PHE A 222 21.99 6.10 -24.50
C PHE A 222 20.77 6.34 -25.39
N CYS A 223 19.87 5.37 -25.43
CA CYS A 223 18.66 5.48 -26.22
C CYS A 223 17.89 6.73 -25.83
N TYR A 224 17.80 6.98 -24.53
CA TYR A 224 17.09 8.16 -24.02
C TYR A 224 17.77 9.40 -24.56
N GLY A 225 19.09 9.39 -24.55
CA GLY A 225 19.85 10.53 -25.03
C GLY A 225 19.47 10.87 -26.45
N GLN A 226 18.94 9.90 -27.17
CA GLN A 226 18.53 10.10 -28.56
C GLN A 226 17.21 10.84 -28.56
N LEU A 227 16.24 10.38 -27.77
CA LEU A 227 14.95 11.04 -27.69
C LEU A 227 15.09 12.30 -26.86
N VAL A 228 16.26 12.92 -26.92
CA VAL A 228 16.51 14.15 -26.19
C VAL A 228 16.02 15.28 -27.06
N PHE A 229 16.43 15.27 -28.33
CA PHE A 229 16.03 16.29 -29.29
C PHE A 229 14.72 15.90 -29.91
N THR A 230 14.73 14.84 -30.71
CA THR A 230 13.54 14.33 -31.39
C THR A 230 12.30 14.63 -30.55
N VAL A 231 11.99 13.76 -29.59
CA VAL A 231 10.83 13.96 -28.71
C VAL A 231 11.30 14.45 -27.36
N LYS A 232 10.39 14.91 -26.53
CA LYS A 232 10.74 15.40 -25.20
C LYS A 232 9.56 15.17 -24.26
N GLU A 233 9.81 15.33 -22.97
CA GLU A 233 8.77 15.15 -21.96
C GLU A 233 7.71 16.23 -22.14
N ALA A 234 8.05 17.26 -22.92
CA ALA A 234 7.13 18.38 -23.18
C ALA A 234 5.97 17.92 -24.04
N ALA A 235 4.76 17.93 -23.48
CA ALA A 235 3.56 17.53 -24.19
C ALA A 235 2.45 18.52 -23.92
N ALA A 236 1.83 19.05 -24.98
CA ALA A 236 0.75 20.03 -24.84
C ALA A 236 -0.60 19.35 -25.03
N GLN A 237 -1.46 19.95 -25.85
CA GLN A 237 -2.80 19.38 -26.11
C GLN A 237 -2.72 18.37 -27.23
N GLN A 238 -3.88 17.85 -27.64
CA GLN A 238 -3.95 16.85 -28.71
C GLN A 238 -3.32 17.39 -29.98
N GLN A 239 -2.58 16.54 -30.69
CA GLN A 239 -1.90 16.87 -31.96
C GLN A 239 -0.41 17.10 -31.76
N GLU A 240 0.04 18.33 -31.98
CA GLU A 240 1.47 18.72 -31.88
C GLU A 240 2.13 18.40 -33.20
N SER A 241 1.75 17.26 -33.76
CA SER A 241 2.24 16.74 -35.04
C SER A 241 1.36 15.56 -35.38
N ALA A 242 0.09 15.70 -35.00
CA ALA A 242 -0.98 14.71 -35.16
C ALA A 242 -1.29 14.18 -33.77
N THR A 243 -2.56 13.93 -33.47
CA THR A 243 -2.93 13.42 -32.14
C THR A 243 -2.19 12.13 -31.88
N THR A 244 -1.70 11.49 -32.93
CA THR A 244 -0.95 10.25 -32.80
C THR A 244 0.43 10.55 -32.26
N GLN A 245 0.75 11.84 -32.18
CA GLN A 245 2.04 12.29 -31.67
C GLN A 245 1.89 12.61 -30.20
N LYS A 246 0.77 13.23 -29.84
CA LYS A 246 0.52 13.57 -28.45
C LYS A 246 0.31 12.31 -27.63
N ALA A 247 -0.29 11.29 -28.24
CA ALA A 247 -0.55 10.04 -27.53
C ALA A 247 0.71 9.22 -27.46
N GLU A 248 1.60 9.41 -28.42
CA GLU A 248 2.85 8.68 -28.45
C GLU A 248 3.75 9.21 -27.36
N LYS A 249 3.52 10.45 -26.97
CA LYS A 249 4.31 11.10 -25.95
C LYS A 249 3.93 10.57 -24.58
N GLU A 250 2.66 10.24 -24.38
CA GLU A 250 2.20 9.72 -23.10
C GLU A 250 2.95 8.43 -22.78
N VAL A 251 3.06 7.54 -23.76
CA VAL A 251 3.74 6.26 -23.58
C VAL A 251 5.20 6.45 -23.28
N THR A 252 5.84 7.42 -23.89
CA THR A 252 7.26 7.65 -23.67
C THR A 252 7.49 8.23 -22.27
N ARG A 253 6.58 9.09 -21.82
CA ARG A 253 6.69 9.70 -20.50
C ARG A 253 6.63 8.60 -19.46
N MET A 254 5.74 7.64 -19.68
CA MET A 254 5.58 6.54 -18.77
C MET A 254 6.83 5.67 -18.74
N VAL A 255 7.36 5.33 -19.90
CA VAL A 255 8.55 4.49 -19.98
C VAL A 255 9.71 5.14 -19.27
N ILE A 256 9.79 6.46 -19.33
CA ILE A 256 10.89 7.16 -18.64
C ILE A 256 10.66 7.08 -17.14
N ILE A 257 9.42 7.25 -16.69
CA ILE A 257 9.10 7.15 -15.27
C ILE A 257 9.41 5.74 -14.79
N MET A 258 9.04 4.74 -15.59
CA MET A 258 9.27 3.32 -15.26
C MET A 258 10.73 3.06 -14.98
N VAL A 259 11.61 3.82 -15.63
CA VAL A 259 13.05 3.66 -15.45
C VAL A 259 13.47 4.33 -14.16
N ILE A 260 12.91 5.51 -13.89
CA ILE A 260 13.22 6.25 -12.69
C ILE A 260 12.89 5.38 -11.50
N ALA A 261 11.73 4.72 -11.58
CA ALA A 261 11.24 3.88 -10.51
C ALA A 261 12.14 2.66 -10.36
N PHE A 262 12.45 1.99 -11.46
CA PHE A 262 13.32 0.82 -11.39
C PHE A 262 14.59 1.18 -10.64
N LEU A 263 15.23 2.26 -11.08
CA LEU A 263 16.48 2.73 -10.46
C LEU A 263 16.29 2.98 -8.97
N ILE A 264 15.26 3.74 -8.61
CA ILE A 264 14.98 4.06 -7.20
C ILE A 264 14.80 2.78 -6.38
N CYS A 265 14.33 1.73 -7.03
CA CYS A 265 14.05 0.47 -6.35
C CYS A 265 15.24 -0.46 -6.30
N TRP A 266 16.19 -0.33 -7.22
CA TRP A 266 17.30 -1.28 -7.23
C TRP A 266 18.66 -0.66 -7.01
N LEU A 267 18.81 0.64 -7.19
CA LEU A 267 20.12 1.25 -7.01
C LEU A 267 20.60 1.02 -5.57
N PRO A 268 19.71 1.16 -4.57
CA PRO A 268 20.26 0.92 -3.23
C PRO A 268 20.67 -0.52 -2.97
N TYR A 269 19.96 -1.48 -3.56
CA TYR A 269 20.30 -2.89 -3.37
C TYR A 269 21.57 -3.18 -4.12
N ALA A 270 21.66 -2.66 -5.33
CA ALA A 270 22.83 -2.88 -6.16
C ALA A 270 24.02 -2.25 -5.46
N GLY A 271 23.82 -1.06 -4.90
CA GLY A 271 24.89 -0.37 -4.21
C GLY A 271 25.45 -1.11 -3.02
N VAL A 272 24.58 -1.64 -2.17
CA VAL A 272 25.04 -2.34 -0.98
C VAL A 272 25.65 -3.65 -1.36
N ALA A 273 25.27 -4.20 -2.50
CA ALA A 273 25.81 -5.50 -2.96
C ALA A 273 27.20 -5.30 -3.51
N PHE A 274 27.41 -4.22 -4.25
CA PHE A 274 28.71 -3.96 -4.82
C PHE A 274 29.70 -3.67 -3.71
N TYR A 275 29.25 -2.98 -2.66
CA TYR A 275 30.10 -2.66 -1.52
C TYR A 275 30.57 -3.94 -0.89
N ILE A 276 29.62 -4.74 -0.39
CA ILE A 276 29.93 -6.01 0.25
C ILE A 276 30.91 -6.78 -0.60
N PHE A 277 30.57 -6.99 -1.87
CA PHE A 277 31.45 -7.73 -2.77
C PHE A 277 32.86 -7.15 -2.73
N THR A 278 32.97 -5.82 -2.60
CA THR A 278 34.28 -5.17 -2.58
C THR A 278 34.78 -4.92 -1.15
N HIS A 279 34.12 -5.50 -0.16
CA HIS A 279 34.54 -5.36 1.24
C HIS A 279 34.17 -6.63 1.96
N GLN A 280 34.35 -7.77 1.30
CA GLN A 280 34.00 -9.06 1.88
C GLN A 280 34.71 -9.20 3.20
N GLY A 281 33.98 -9.58 4.24
CA GLY A 281 34.59 -9.74 5.54
C GLY A 281 34.72 -8.48 6.38
N SER A 282 34.28 -7.34 5.84
CA SER A 282 34.34 -6.10 6.60
C SER A 282 33.26 -6.15 7.65
N ASP A 283 33.27 -5.21 8.59
CA ASP A 283 32.31 -5.24 9.69
C ASP A 283 31.00 -4.51 9.44
N PHE A 284 30.07 -5.18 8.76
CA PHE A 284 28.74 -4.62 8.52
C PHE A 284 27.75 -5.53 9.22
N GLY A 285 26.59 -5.00 9.64
CA GLY A 285 25.62 -5.84 10.34
C GLY A 285 24.44 -6.32 9.52
N PRO A 286 23.41 -6.86 10.18
CA PRO A 286 22.19 -7.38 9.53
C PRO A 286 21.29 -6.39 8.82
N ILE A 287 21.00 -5.25 9.46
CA ILE A 287 20.11 -4.23 8.87
C ILE A 287 20.67 -3.69 7.55
N PHE A 288 22.00 -3.68 7.43
CA PHE A 288 22.68 -3.14 6.25
C PHE A 288 22.02 -3.56 4.94
N MET A 289 21.85 -4.87 4.71
CA MET A 289 21.26 -5.34 3.44
C MET A 289 19.76 -5.52 3.56
N THR A 290 19.27 -5.75 4.78
CA THR A 290 17.84 -5.96 4.99
C THR A 290 17.00 -4.84 4.38
N ILE A 291 17.30 -3.59 4.73
CA ILE A 291 16.52 -2.45 4.24
C ILE A 291 16.47 -2.37 2.71
N PRO A 292 17.62 -2.28 2.03
CA PRO A 292 17.50 -2.20 0.58
C PRO A 292 16.89 -3.44 -0.03
N ALA A 293 17.22 -4.61 0.52
CA ALA A 293 16.71 -5.87 0.00
C ALA A 293 15.18 -5.93 0.07
N PHE A 294 14.60 -5.62 1.22
CA PHE A 294 13.15 -5.68 1.34
C PHE A 294 12.48 -4.53 0.62
N PHE A 295 13.16 -3.40 0.46
CA PHE A 295 12.52 -2.28 -0.22
C PHE A 295 12.41 -2.64 -1.68
N ALA A 296 13.42 -3.32 -2.20
CA ALA A 296 13.45 -3.72 -3.60
C ALA A 296 12.30 -4.66 -3.92
N LYS A 297 11.74 -5.33 -2.92
CA LYS A 297 10.64 -6.25 -3.17
C LYS A 297 9.40 -5.50 -3.60
N THR A 298 9.41 -4.17 -3.53
CA THR A 298 8.23 -3.42 -3.96
C THR A 298 8.15 -3.47 -5.48
N SER A 299 9.24 -3.93 -6.09
CA SER A 299 9.32 -4.05 -7.55
C SER A 299 8.18 -4.91 -8.08
N ALA A 300 7.56 -5.69 -7.20
CA ALA A 300 6.48 -6.57 -7.60
C ALA A 300 5.17 -5.82 -7.78
N VAL A 301 5.04 -4.58 -7.31
CA VAL A 301 3.74 -3.92 -7.49
C VAL A 301 3.79 -2.51 -8.10
N TYR A 302 4.94 -1.84 -8.13
CA TYR A 302 4.94 -0.46 -8.65
C TYR A 302 4.68 -0.34 -10.13
N ASN A 303 5.17 -1.25 -10.96
CA ASN A 303 4.94 -1.12 -12.42
C ASN A 303 3.47 -0.95 -12.76
N PRO A 304 2.60 -1.90 -12.38
CA PRO A 304 1.17 -1.77 -12.69
C PRO A 304 0.56 -0.45 -12.20
N VAL A 305 1.09 0.09 -11.11
CA VAL A 305 0.55 1.34 -10.59
C VAL A 305 0.88 2.47 -11.55
N ILE A 306 2.09 2.45 -12.12
CA ILE A 306 2.49 3.49 -13.06
C ILE A 306 1.68 3.36 -14.32
N TYR A 307 1.44 2.12 -14.71
CA TYR A 307 0.67 1.79 -15.91
C TYR A 307 -0.72 2.39 -15.80
N ILE A 308 -1.46 1.96 -14.78
CA ILE A 308 -2.82 2.42 -14.55
C ILE A 308 -2.90 3.91 -14.36
N MET A 309 -1.90 4.51 -13.72
CA MET A 309 -1.94 5.95 -13.49
C MET A 309 -1.46 6.75 -14.69
N MET A 310 -0.66 6.16 -15.58
CA MET A 310 -0.12 6.93 -16.72
C MET A 310 -0.61 6.48 -18.10
N ASN A 311 -1.66 5.68 -18.18
CA ASN A 311 -2.16 5.23 -19.48
C ASN A 311 -3.67 5.32 -19.47
N LYS A 312 -4.19 6.44 -19.96
CA LYS A 312 -5.63 6.68 -20.01
C LYS A 312 -6.37 5.46 -20.51
N GLN A 313 -5.96 4.92 -21.64
CA GLN A 313 -6.64 3.78 -22.25
C GLN A 313 -6.75 2.60 -21.30
N PHE A 314 -5.62 2.07 -20.85
CA PHE A 314 -5.65 0.91 -19.97
C PHE A 314 -6.50 1.17 -18.73
N ARG A 315 -6.41 2.36 -18.16
CA ARG A 315 -7.19 2.69 -16.95
C ARG A 315 -8.68 2.62 -17.25
N ASN A 316 -9.08 3.12 -18.42
CA ASN A 316 -10.49 3.10 -18.79
C ASN A 316 -10.94 1.68 -19.02
N CYS A 317 -10.05 0.84 -19.54
CA CYS A 317 -10.41 -0.56 -19.79
C CYS A 317 -10.57 -1.29 -18.48
N MET A 318 -9.75 -0.94 -17.49
CA MET A 318 -9.81 -1.58 -16.17
C MET A 318 -11.13 -1.21 -15.50
N VAL A 319 -11.54 0.05 -15.64
CA VAL A 319 -12.80 0.51 -15.05
C VAL A 319 -13.94 -0.24 -15.72
N THR A 320 -13.90 -0.33 -17.04
CA THR A 320 -14.93 -1.03 -17.77
C THR A 320 -15.01 -2.45 -17.28
N THR A 321 -13.88 -3.07 -17.00
CA THR A 321 -13.87 -4.46 -16.53
C THR A 321 -14.43 -4.54 -15.12
N LEU A 322 -13.98 -3.68 -14.20
CA LEU A 322 -14.46 -3.72 -12.83
C LEU A 322 -15.93 -3.37 -12.74
N CYS A 323 -16.39 -2.40 -13.51
CA CYS A 323 -17.80 -2.00 -13.47
C CYS A 323 -18.62 -2.99 -14.26
N CYS A 324 -18.19 -4.26 -14.23
CA CYS A 324 -18.89 -5.33 -14.94
C CYS A 324 -19.22 -4.87 -16.34
N GLY A 325 -20.34 -5.32 -16.89
CA GLY A 325 -20.75 -4.93 -18.23
C GLY A 325 -19.90 -3.87 -18.92
N LYS A 326 -19.91 -2.66 -18.37
CA LYS A 326 -19.13 -1.55 -18.93
C LYS A 326 -19.37 -0.31 -18.10
N ASN A 327 -19.73 0.80 -18.75
CA ASN A 327 -20.01 2.08 -18.09
C ASN A 327 -18.71 2.74 -17.63
N PRO A 328 -17.93 3.31 -18.56
CA PRO A 328 -16.67 3.99 -18.25
C PRO A 328 -16.89 5.41 -17.74
N LEU A 329 -18.17 5.78 -17.61
CA LEU A 329 -18.58 7.10 -17.12
C LEU A 329 -18.09 8.25 -18.01
N GLY A 330 -17.70 9.34 -17.35
CA GLY A 330 -17.24 10.54 -18.02
C GLY A 330 -16.35 10.45 -19.25
N ASP A 331 -15.04 10.42 -19.03
CA ASP A 331 -14.05 10.39 -20.13
C ASP A 331 -14.17 9.16 -21.01
N ASP A 332 -14.21 7.96 -20.42
CA ASP A 332 -14.30 6.71 -21.19
C ASP A 332 -12.98 6.42 -21.86
N GLU A 333 -12.27 7.48 -22.24
CA GLU A 333 -10.96 7.39 -22.91
C GLU A 333 -10.78 8.65 -23.74
N ALA A 334 -11.85 9.07 -24.40
CA ALA A 334 -11.82 10.25 -25.26
C ALA A 334 -11.00 9.92 -26.49
N SER A 335 -10.64 8.64 -26.61
CA SER A 335 -9.86 8.13 -27.74
C SER A 335 -10.30 6.70 -27.99
N THR A 336 -9.54 5.96 -28.80
CA THR A 336 -9.89 4.57 -29.09
C THR A 336 -9.92 3.80 -27.80
N THR A 337 -10.63 2.68 -27.79
CA THR A 337 -10.73 1.87 -26.58
C THR A 337 -10.57 0.41 -26.92
N VAL A 338 -11.05 -0.47 -26.04
CA VAL A 338 -10.93 -1.92 -26.25
C VAL A 338 -11.57 -2.73 -25.12
N SER A 339 -12.00 -3.94 -25.46
CA SER A 339 -12.60 -4.86 -24.52
C SER A 339 -12.86 -6.20 -25.19
N LYS A 340 -13.87 -6.93 -24.75
CA LYS A 340 -14.16 -8.24 -25.33
C LYS A 340 -15.50 -8.25 -26.08
N THR A 341 -16.35 -7.25 -25.84
CA THR A 341 -17.65 -7.19 -26.53
C THR A 341 -18.23 -5.78 -26.52
N GLU A 342 -17.71 -4.90 -25.68
CA GLU A 342 -18.22 -3.52 -25.57
C GLU A 342 -17.97 -2.71 -26.84
N THR A 343 -16.72 -2.36 -27.13
CA THR A 343 -16.42 -1.57 -28.33
C THR A 343 -15.05 -1.88 -28.89
N SER A 344 -14.74 -3.16 -29.03
CA SER A 344 -13.47 -3.58 -29.57
C SER A 344 -13.52 -3.56 -31.08
N GLN A 345 -14.52 -2.90 -31.65
CA GLN A 345 -14.68 -2.80 -33.11
C GLN A 345 -13.33 -2.44 -33.71
N VAL A 346 -12.95 -3.08 -34.81
CA VAL A 346 -11.66 -2.79 -35.47
C VAL A 346 -11.78 -1.49 -36.25
N ALA A 347 -10.70 -0.73 -36.40
CA ALA A 347 -10.81 0.57 -37.11
C ALA A 347 -9.64 0.91 -38.06
N PRO A 348 -9.12 -0.05 -38.83
CA PRO A 348 -8.02 0.27 -39.75
C PRO A 348 -8.50 1.09 -40.94
N ALA A 349 -8.56 0.45 -42.12
CA ALA A 349 -9.00 1.11 -43.36
C ALA A 349 -10.02 0.25 -44.11
N MET B 2 -6.42 39.71 -1.75
CA MET B 2 -6.83 38.57 -0.92
C MET B 2 -5.83 37.45 -1.08
N ASN B 3 -5.60 36.71 0.00
CA ASN B 3 -4.61 35.62 -0.03
C ASN B 3 -5.13 34.41 -0.76
N GLY B 4 -6.43 34.16 -0.72
CA GLY B 4 -6.99 33.02 -1.43
C GLY B 4 -8.11 33.45 -2.34
N THR B 5 -8.80 32.51 -2.94
CA THR B 5 -9.91 32.86 -3.83
C THR B 5 -11.17 32.14 -3.39
N GLU B 6 -12.17 32.90 -2.96
CA GLU B 6 -13.42 32.32 -2.52
C GLU B 6 -14.40 32.27 -3.65
N GLY B 7 -15.18 31.20 -3.65
CA GLY B 7 -16.20 31.03 -4.65
C GLY B 7 -17.44 30.77 -3.82
N PRO B 8 -18.60 30.63 -4.44
CA PRO B 8 -19.79 30.39 -3.61
C PRO B 8 -19.80 28.96 -3.14
N ASN B 9 -18.95 28.16 -3.77
CA ASN B 9 -18.87 26.74 -3.53
C ASN B 9 -17.51 26.33 -2.99
N PHE B 10 -16.51 27.20 -3.07
CA PHE B 10 -15.15 26.80 -2.70
C PHE B 10 -14.33 27.90 -2.07
N TYR B 11 -13.05 27.57 -1.89
CA TYR B 11 -12.05 28.47 -1.33
C TYR B 11 -10.68 27.96 -1.74
N VAL B 12 -10.19 28.38 -2.90
CA VAL B 12 -8.89 27.95 -3.38
C VAL B 12 -7.80 28.66 -2.58
N PRO B 13 -6.86 27.89 -1.96
CA PRO B 13 -5.77 28.50 -1.18
C PRO B 13 -4.71 29.02 -2.12
N PHE B 14 -5.14 29.83 -3.09
CA PHE B 14 -4.25 30.41 -4.07
C PHE B 14 -4.79 31.78 -4.45
N SER B 15 -3.90 32.74 -4.65
CA SER B 15 -4.31 34.08 -5.02
C SER B 15 -4.71 34.11 -6.47
N ASN B 16 -5.74 34.90 -6.81
CA ASN B 16 -6.18 34.99 -8.19
C ASN B 16 -5.71 36.30 -8.77
N LYS B 17 -4.56 36.76 -8.28
CA LYS B 17 -3.99 38.00 -8.77
C LYS B 17 -3.66 37.84 -10.25
N THR B 18 -3.11 36.69 -10.64
CA THR B 18 -2.76 36.45 -12.04
C THR B 18 -3.96 35.94 -12.81
N GLY B 19 -5.12 35.88 -12.16
CA GLY B 19 -6.33 35.42 -12.82
C GLY B 19 -6.33 33.97 -13.30
N VAL B 20 -5.49 33.14 -12.72
CA VAL B 20 -5.41 31.74 -13.13
C VAL B 20 -6.26 30.81 -12.26
N VAL B 21 -6.77 31.28 -11.13
CA VAL B 21 -7.58 30.41 -10.27
C VAL B 21 -8.89 30.05 -10.93
N ARG B 22 -9.30 28.79 -10.82
CA ARG B 22 -10.55 28.30 -11.41
C ARG B 22 -11.30 27.47 -10.40
N SER B 23 -12.61 27.34 -10.54
CA SER B 23 -13.41 26.56 -9.60
C SER B 23 -12.96 25.12 -9.57
N PRO B 24 -12.74 24.53 -8.38
CA PRO B 24 -12.30 23.14 -8.29
C PRO B 24 -13.40 22.19 -8.75
N PHE B 25 -14.51 22.75 -9.21
CA PHE B 25 -15.65 21.97 -9.70
C PHE B 25 -15.80 22.17 -11.20
N GLU B 26 -14.93 22.93 -11.84
CA GLU B 26 -15.08 23.20 -13.26
C GLU B 26 -13.84 22.99 -14.07
N ALA B 27 -12.65 22.95 -13.45
CA ALA B 27 -11.44 22.78 -14.25
C ALA B 27 -10.28 22.30 -13.40
N PRO B 28 -9.27 21.67 -14.02
CA PRO B 28 -8.10 21.17 -13.31
C PRO B 28 -7.46 22.23 -12.45
N GLN B 29 -6.75 21.82 -11.40
CA GLN B 29 -6.12 22.77 -10.48
C GLN B 29 -4.62 22.69 -10.60
N TYR B 30 -4.14 22.23 -11.75
CA TYR B 30 -2.70 22.08 -11.97
C TYR B 30 -1.96 23.34 -11.65
N TYR B 31 -2.58 24.50 -11.82
CA TYR B 31 -1.90 25.74 -11.54
C TYR B 31 -1.53 25.85 -10.06
N LEU B 32 -2.06 24.96 -9.22
CA LEU B 32 -1.76 24.96 -7.78
C LEU B 32 -0.54 24.15 -7.49
N ALA B 33 -0.19 23.22 -8.37
CA ALA B 33 0.97 22.38 -8.14
C ALA B 33 1.25 21.56 -9.38
N GLU B 34 2.46 21.03 -9.47
CA GLU B 34 2.85 20.22 -10.62
C GLU B 34 1.90 19.08 -10.84
N PRO B 35 1.54 18.81 -12.11
CA PRO B 35 0.62 17.72 -12.44
C PRO B 35 1.10 16.34 -12.02
N TRP B 36 2.40 16.15 -11.90
CA TRP B 36 2.92 14.84 -11.49
C TRP B 36 2.54 14.58 -10.06
N GLN B 37 2.32 15.65 -9.31
CA GLN B 37 1.96 15.54 -7.90
C GLN B 37 0.54 15.02 -7.74
N PHE B 38 -0.36 15.38 -8.66
CA PHE B 38 -1.72 14.85 -8.59
C PHE B 38 -1.67 13.38 -8.93
N SER B 39 -0.70 13.01 -9.77
CA SER B 39 -0.51 11.61 -10.15
C SER B 39 -0.05 10.86 -8.93
N MET B 40 0.76 11.52 -8.12
CA MET B 40 1.28 10.94 -6.90
C MET B 40 0.14 10.71 -5.91
N LEU B 41 -0.78 11.67 -5.80
CA LEU B 41 -1.92 11.55 -4.90
C LEU B 41 -2.83 10.45 -5.38
N ALA B 42 -2.99 10.38 -6.70
CA ALA B 42 -3.83 9.37 -7.32
C ALA B 42 -3.25 7.98 -7.09
N ALA B 43 -1.93 7.84 -7.21
CA ALA B 43 -1.29 6.55 -7.00
C ALA B 43 -1.55 6.11 -5.58
N TYR B 44 -1.33 7.05 -4.66
CA TYR B 44 -1.50 6.85 -3.22
C TYR B 44 -2.89 6.30 -2.93
N MET B 45 -3.91 6.93 -3.50
CA MET B 45 -5.29 6.48 -3.28
C MET B 45 -5.51 5.11 -3.90
N PHE B 46 -4.89 4.84 -5.04
CA PHE B 46 -5.03 3.54 -5.69
C PHE B 46 -4.58 2.45 -4.73
N LEU B 47 -3.40 2.63 -4.15
CA LEU B 47 -2.84 1.65 -3.21
C LEU B 47 -3.72 1.52 -1.98
N LEU B 48 -4.21 2.64 -1.44
CA LEU B 48 -5.07 2.60 -0.25
C LEU B 48 -6.29 1.76 -0.56
N ILE B 49 -6.91 2.00 -1.70
CA ILE B 49 -8.09 1.25 -2.11
C ILE B 49 -7.72 -0.22 -2.23
N MET B 50 -6.63 -0.50 -2.93
CA MET B 50 -6.19 -1.90 -3.14
C MET B 50 -5.67 -2.56 -1.88
N LEU B 51 -5.49 -1.82 -0.79
CA LEU B 51 -5.05 -2.44 0.46
C LEU B 51 -6.24 -2.49 1.39
N GLY B 52 -6.90 -1.34 1.57
CA GLY B 52 -8.05 -1.26 2.44
C GLY B 52 -9.21 -2.16 2.04
N PHE B 53 -9.35 -2.45 0.75
CA PHE B 53 -10.44 -3.31 0.34
C PHE B 53 -10.19 -4.74 0.83
N PRO B 54 -9.13 -5.39 0.34
CA PRO B 54 -8.86 -6.76 0.80
C PRO B 54 -8.67 -6.92 2.30
N ILE B 55 -7.86 -6.08 2.92
CA ILE B 55 -7.59 -6.22 4.35
C ILE B 55 -8.84 -5.98 5.20
N ASN B 56 -9.76 -5.16 4.75
CA ASN B 56 -10.98 -4.91 5.54
C ASN B 56 -12.00 -5.99 5.29
N PHE B 57 -12.16 -6.43 4.05
CA PHE B 57 -13.12 -7.50 3.77
C PHE B 57 -12.70 -8.72 4.54
N LEU B 58 -11.41 -9.05 4.43
CA LEU B 58 -10.83 -10.19 5.11
C LEU B 58 -11.14 -10.13 6.59
N THR B 59 -11.03 -8.96 7.20
CA THR B 59 -11.33 -8.82 8.63
C THR B 59 -12.79 -9.12 8.87
N LEU B 60 -13.64 -8.64 7.95
CA LEU B 60 -15.09 -8.83 8.03
C LEU B 60 -15.47 -10.30 7.89
N TYR B 61 -14.89 -10.97 6.91
CA TYR B 61 -15.17 -12.37 6.60
C TYR B 61 -14.71 -13.31 7.69
N VAL B 62 -13.53 -13.11 8.24
CA VAL B 62 -13.03 -14.00 9.29
C VAL B 62 -13.91 -13.92 10.52
N THR B 63 -14.38 -12.74 10.89
CA THR B 63 -15.23 -12.57 12.07
C THR B 63 -16.54 -13.32 11.94
N VAL B 64 -17.30 -12.97 10.91
CA VAL B 64 -18.59 -13.60 10.65
C VAL B 64 -18.45 -15.12 10.57
N GLN B 65 -17.39 -15.60 9.95
CA GLN B 65 -17.18 -17.04 9.77
C GLN B 65 -16.78 -17.77 11.05
N HIS B 66 -16.32 -17.07 12.07
CA HIS B 66 -15.91 -17.75 13.30
C HIS B 66 -16.76 -17.31 14.47
N LYS B 67 -17.70 -18.16 14.89
CA LYS B 67 -18.62 -17.84 15.97
C LYS B 67 -17.96 -17.53 17.30
N LYS B 68 -16.85 -18.17 17.64
CA LYS B 68 -16.22 -17.86 18.94
C LYS B 68 -15.80 -16.41 18.97
N LEU B 69 -15.60 -15.80 17.80
CA LEU B 69 -15.19 -14.39 17.73
C LEU B 69 -16.41 -13.51 17.89
N ARG B 70 -16.84 -13.30 19.12
CA ARG B 70 -18.00 -12.48 19.36
C ARG B 70 -17.86 -11.72 20.64
N THR B 71 -16.67 -11.22 20.93
CA THR B 71 -16.45 -10.44 22.15
C THR B 71 -16.72 -8.98 21.81
N PRO B 72 -16.52 -8.06 22.77
CA PRO B 72 -16.79 -6.67 22.41
C PRO B 72 -15.78 -6.21 21.38
N LEU B 73 -14.50 -6.48 21.63
CA LEU B 73 -13.44 -6.10 20.72
C LEU B 73 -13.76 -6.62 19.33
N ASN B 74 -14.05 -7.90 19.19
CA ASN B 74 -14.36 -8.47 17.88
C ASN B 74 -15.50 -7.73 17.24
N TYR B 75 -16.40 -7.18 18.05
CA TYR B 75 -17.56 -6.47 17.52
C TYR B 75 -17.18 -5.12 16.97
N ILE B 76 -16.31 -4.42 17.69
CA ILE B 76 -15.89 -3.08 17.28
C ILE B 76 -15.04 -3.11 16.01
N LEU B 77 -14.15 -4.08 15.88
CA LEU B 77 -13.32 -4.12 14.68
C LEU B 77 -14.10 -4.60 13.48
N LEU B 78 -15.23 -5.27 13.69
CA LEU B 78 -16.01 -5.67 12.54
C LEU B 78 -16.65 -4.39 12.04
N ASN B 79 -17.01 -3.55 13.00
CA ASN B 79 -17.65 -2.27 12.70
C ASN B 79 -16.65 -1.43 11.91
N LEU B 80 -15.42 -1.38 12.42
CA LEU B 80 -14.33 -0.63 11.78
C LEU B 80 -14.11 -1.13 10.37
N ALA B 81 -14.07 -2.44 10.19
CA ALA B 81 -13.86 -3.01 8.85
C ALA B 81 -14.97 -2.56 7.93
N VAL B 82 -16.17 -2.36 8.46
CA VAL B 82 -17.31 -1.93 7.64
C VAL B 82 -17.20 -0.44 7.34
N ALA B 83 -16.79 0.33 8.34
CA ALA B 83 -16.63 1.77 8.18
C ALA B 83 -15.54 2.00 7.14
N ASP B 84 -14.47 1.20 7.24
CA ASP B 84 -13.35 1.29 6.32
C ASP B 84 -13.79 0.97 4.91
N LEU B 85 -14.57 -0.09 4.74
CA LEU B 85 -15.03 -0.44 3.42
C LEU B 85 -15.85 0.70 2.86
N PHE B 86 -16.57 1.41 3.72
CA PHE B 86 -17.38 2.54 3.24
C PHE B 86 -16.50 3.69 2.81
N MET B 87 -15.38 3.89 3.50
CA MET B 87 -14.43 4.95 3.13
C MET B 87 -13.84 4.60 1.78
N VAL B 88 -13.36 3.37 1.64
CA VAL B 88 -12.74 2.88 0.40
C VAL B 88 -13.66 3.02 -0.83
N PHE B 89 -14.87 2.48 -0.78
CA PHE B 89 -15.78 2.53 -1.95
C PHE B 89 -16.61 3.79 -2.01
N GLY B 90 -17.08 4.27 -0.86
CA GLY B 90 -17.89 5.46 -0.86
C GLY B 90 -17.16 6.76 -1.16
N GLY B 91 -15.95 6.91 -0.62
CA GLY B 91 -15.20 8.13 -0.83
C GLY B 91 -13.92 8.01 -1.61
N PHE B 92 -13.05 7.08 -1.20
CA PHE B 92 -11.74 6.88 -1.84
C PHE B 92 -11.87 6.76 -3.35
N THR B 93 -12.97 6.20 -3.83
CA THR B 93 -13.13 6.08 -5.26
C THR B 93 -13.25 7.45 -5.88
N THR B 94 -13.99 8.35 -5.25
CA THR B 94 -14.12 9.71 -5.78
C THR B 94 -12.82 10.45 -5.65
N THR B 95 -12.09 10.23 -4.56
CA THR B 95 -10.84 10.94 -4.39
C THR B 95 -9.82 10.46 -5.41
N LEU B 96 -9.92 9.19 -5.82
CA LEU B 96 -8.99 8.66 -6.84
C LEU B 96 -9.29 9.30 -8.19
N TYR B 97 -10.57 9.30 -8.54
CA TYR B 97 -11.03 9.87 -9.80
C TYR B 97 -10.70 11.35 -9.84
N THR B 98 -10.91 12.04 -8.73
CA THR B 98 -10.66 13.49 -8.65
C THR B 98 -9.19 13.79 -8.87
N SER B 99 -8.32 13.08 -8.17
CA SER B 99 -6.89 13.29 -8.32
C SER B 99 -6.45 13.00 -9.73
N LEU B 100 -7.07 12.00 -10.36
CA LEU B 100 -6.71 11.65 -11.72
C LEU B 100 -7.03 12.77 -12.68
N HIS B 101 -7.98 13.64 -12.32
CA HIS B 101 -8.40 14.73 -13.20
C HIS B 101 -7.94 16.08 -12.74
N GLY B 102 -7.39 16.19 -11.54
CA GLY B 102 -6.93 17.49 -11.09
C GLY B 102 -8.01 18.39 -10.52
N TYR B 103 -9.22 17.85 -10.34
CA TYR B 103 -10.34 18.61 -9.77
C TYR B 103 -11.56 17.73 -9.62
N PHE B 104 -12.57 18.23 -8.92
CA PHE B 104 -13.78 17.46 -8.69
C PHE B 104 -14.68 17.48 -9.91
N VAL B 105 -14.35 16.66 -10.90
CA VAL B 105 -15.14 16.60 -12.12
C VAL B 105 -16.58 16.19 -11.79
N PHE B 106 -16.80 15.49 -10.68
CA PHE B 106 -18.17 15.08 -10.33
C PHE B 106 -18.90 16.18 -9.58
N GLY B 107 -18.34 17.39 -9.55
CA GLY B 107 -18.99 18.50 -8.87
C GLY B 107 -19.19 18.32 -7.38
N PRO B 108 -20.00 19.18 -6.74
CA PRO B 108 -20.27 19.09 -5.30
C PRO B 108 -20.76 17.76 -4.78
N THR B 109 -21.30 16.90 -5.65
CA THR B 109 -21.75 15.59 -5.18
C THR B 109 -20.52 14.77 -4.84
N GLY B 110 -19.55 14.74 -5.75
CA GLY B 110 -18.33 14.00 -5.51
C GLY B 110 -17.67 14.46 -4.23
N CYS B 111 -17.71 15.77 -4.00
CA CYS B 111 -17.13 16.39 -2.82
C CYS B 111 -17.88 15.92 -1.58
N ASN B 112 -19.20 15.81 -1.68
CA ASN B 112 -19.99 15.34 -0.54
C ASN B 112 -19.61 13.90 -0.25
N LEU B 113 -19.47 13.10 -1.32
CA LEU B 113 -19.10 11.70 -1.17
C LEU B 113 -17.75 11.59 -0.49
N GLU B 114 -16.74 12.18 -1.10
CA GLU B 114 -15.38 12.14 -0.56
C GLU B 114 -15.38 12.64 0.88
N GLY B 115 -16.06 13.75 1.15
CA GLY B 115 -16.09 14.29 2.50
C GLY B 115 -16.91 13.52 3.54
N PHE B 116 -18.17 13.24 3.20
CA PHE B 116 -19.04 12.52 4.12
C PHE B 116 -18.41 11.19 4.54
N PHE B 117 -17.90 10.42 3.59
CA PHE B 117 -17.33 9.11 3.93
C PHE B 117 -16.02 9.16 4.71
N ALA B 118 -15.22 10.19 4.52
CA ALA B 118 -13.97 10.27 5.26
C ALA B 118 -14.29 10.62 6.70
N THR B 119 -15.24 11.52 6.89
CA THR B 119 -15.66 11.96 8.22
C THR B 119 -16.41 10.83 8.93
N LEU B 120 -17.38 10.23 8.24
CA LEU B 120 -18.15 9.14 8.80
C LEU B 120 -17.19 8.05 9.27
N GLY B 121 -16.18 7.74 8.46
CA GLY B 121 -15.23 6.72 8.81
C GLY B 121 -14.34 7.03 9.99
N GLY B 122 -13.79 8.24 10.00
CA GLY B 122 -12.92 8.65 11.09
C GLY B 122 -13.67 8.86 12.39
N GLU B 123 -14.91 9.35 12.30
CA GLU B 123 -15.72 9.58 13.51
C GLU B 123 -16.16 8.25 14.08
N ILE B 124 -16.61 7.33 13.24
CA ILE B 124 -17.02 6.02 13.74
C ILE B 124 -15.86 5.40 14.50
N ALA B 125 -14.65 5.74 14.09
CA ALA B 125 -13.46 5.22 14.73
C ALA B 125 -13.22 5.90 16.06
N LEU B 126 -13.40 7.21 16.12
CA LEU B 126 -13.16 7.93 17.37
C LEU B 126 -14.12 7.45 18.43
N TRP B 127 -15.40 7.35 18.09
CA TRP B 127 -16.39 6.91 19.07
C TRP B 127 -16.18 5.45 19.44
N SER B 128 -15.87 4.59 18.48
CA SER B 128 -15.63 3.18 18.79
C SER B 128 -14.56 3.09 19.85
N LEU B 129 -13.65 4.07 19.87
CA LEU B 129 -12.57 4.09 20.85
C LEU B 129 -13.14 4.43 22.21
N VAL B 130 -14.24 5.16 22.24
CA VAL B 130 -14.88 5.51 23.52
C VAL B 130 -15.55 4.25 24.04
N VAL B 131 -16.28 3.56 23.17
CA VAL B 131 -16.95 2.32 23.55
C VAL B 131 -15.92 1.35 24.11
N LEU B 132 -14.77 1.25 23.45
CA LEU B 132 -13.70 0.36 23.91
C LEU B 132 -13.22 0.82 25.26
N ALA B 133 -13.22 2.13 25.47
CA ALA B 133 -12.78 2.69 26.75
C ALA B 133 -13.76 2.24 27.80
N ILE B 134 -15.05 2.33 27.50
CA ILE B 134 -16.06 1.90 28.44
C ILE B 134 -15.85 0.43 28.76
N GLU B 135 -16.00 -0.43 27.76
CA GLU B 135 -15.84 -1.87 27.93
C GLU B 135 -14.54 -2.19 28.65
N ARG B 136 -13.49 -1.42 28.41
CA ARG B 136 -12.21 -1.68 29.04
C ARG B 136 -12.27 -1.41 30.53
N TYR B 137 -12.64 -0.18 30.91
CA TYR B 137 -12.75 0.24 32.31
C TYR B 137 -13.70 -0.68 33.06
N VAL B 138 -14.75 -1.12 32.38
CA VAL B 138 -15.78 -1.99 32.95
C VAL B 138 -15.25 -3.40 33.21
N VAL B 139 -14.06 -3.73 32.71
CA VAL B 139 -13.52 -5.06 32.94
C VAL B 139 -12.10 -4.99 33.43
N VAL B 140 -11.72 -3.86 34.00
CA VAL B 140 -10.37 -3.68 34.53
C VAL B 140 -10.50 -3.13 35.93
N CYS B 141 -11.52 -2.31 36.14
CA CYS B 141 -11.79 -1.72 37.43
C CYS B 141 -13.05 -2.37 37.95
N LYS B 142 -13.91 -2.73 37.02
CA LYS B 142 -15.18 -3.39 37.30
C LYS B 142 -15.93 -2.73 38.43
N PRO B 143 -16.30 -1.43 38.28
CA PRO B 143 -17.04 -0.73 39.34
C PRO B 143 -18.43 -1.34 39.51
N MET B 144 -18.55 -2.60 39.11
CA MET B 144 -19.80 -3.33 39.20
C MET B 144 -19.58 -4.56 40.08
N SER B 145 -20.62 -5.37 40.26
CA SER B 145 -20.53 -6.57 41.09
C SER B 145 -20.51 -7.80 40.19
N ASN B 146 -21.66 -8.17 39.65
CA ASN B 146 -21.76 -9.33 38.76
C ASN B 146 -22.39 -8.91 37.45
N PHE B 147 -21.61 -8.21 36.63
CA PHE B 147 -22.06 -7.73 35.32
C PHE B 147 -21.24 -8.36 34.24
N ARG B 148 -21.72 -8.30 33.00
CA ARG B 148 -21.01 -8.88 31.88
C ARG B 148 -21.31 -8.07 30.63
N PHE B 149 -20.31 -7.33 30.14
CA PHE B 149 -20.49 -6.54 28.93
C PHE B 149 -20.66 -7.54 27.80
N GLY B 150 -21.87 -8.10 27.68
CA GLY B 150 -22.13 -9.09 26.65
C GLY B 150 -22.32 -8.56 25.26
N GLU B 151 -22.64 -9.45 24.33
CA GLU B 151 -22.86 -9.09 22.95
C GLU B 151 -23.95 -8.05 22.86
N ASN B 152 -25.09 -8.34 23.49
CA ASN B 152 -26.21 -7.42 23.47
C ASN B 152 -25.73 -6.01 23.74
N HIS B 153 -24.79 -5.84 24.66
CA HIS B 153 -24.25 -4.52 25.00
C HIS B 153 -23.40 -4.02 23.86
N ALA B 154 -22.55 -4.89 23.31
CA ALA B 154 -21.68 -4.52 22.21
C ALA B 154 -22.47 -4.04 21.01
N ILE B 155 -23.51 -4.79 20.63
CA ILE B 155 -24.32 -4.37 19.47
C ILE B 155 -24.87 -2.98 19.73
N MET B 156 -25.05 -2.63 21.00
CA MET B 156 -25.56 -1.31 21.38
C MET B 156 -24.48 -0.28 21.15
N GLY B 157 -23.29 -0.54 21.66
CA GLY B 157 -22.17 0.37 21.49
C GLY B 157 -21.87 0.63 20.02
N VAL B 158 -22.19 -0.35 19.17
CA VAL B 158 -21.96 -0.23 17.74
C VAL B 158 -22.93 0.79 17.17
N ALA B 159 -24.23 0.52 17.26
CA ALA B 159 -25.24 1.47 16.74
C ALA B 159 -24.97 2.85 17.31
N PHE B 160 -24.45 2.89 18.53
CA PHE B 160 -24.12 4.14 19.20
C PHE B 160 -23.12 4.91 18.38
N THR B 161 -22.03 4.25 17.99
CA THR B 161 -20.98 4.89 17.20
C THR B 161 -21.55 5.50 15.95
N TRP B 162 -22.33 4.74 15.18
CA TRP B 162 -22.91 5.29 13.96
C TRP B 162 -23.79 6.49 14.30
N VAL B 163 -24.59 6.38 15.35
CA VAL B 163 -25.47 7.50 15.71
C VAL B 163 -24.67 8.76 15.88
N MET B 164 -23.57 8.67 16.64
CA MET B 164 -22.72 9.83 16.87
C MET B 164 -22.04 10.26 15.59
N ALA B 165 -21.40 9.31 14.90
CA ALA B 165 -20.71 9.59 13.66
C ALA B 165 -21.63 10.33 12.69
N LEU B 166 -22.87 9.86 12.55
CA LEU B 166 -23.83 10.50 11.64
C LEU B 166 -24.15 11.91 12.06
N ALA B 167 -24.23 12.15 13.37
CA ALA B 167 -24.54 13.48 13.91
C ALA B 167 -23.45 14.47 13.56
N CYS B 168 -22.31 13.95 13.10
CA CYS B 168 -21.18 14.78 12.73
C CYS B 168 -20.98 14.80 11.25
N ALA B 169 -21.22 13.68 10.59
CA ALA B 169 -21.01 13.58 9.16
C ALA B 169 -22.19 13.99 8.35
N ALA B 170 -23.40 13.78 8.87
CA ALA B 170 -24.65 14.06 8.11
C ALA B 170 -25.07 15.53 8.03
N PRO B 171 -24.96 16.30 9.11
CA PRO B 171 -25.36 17.71 9.04
C PRO B 171 -24.88 18.51 7.83
N PRO B 172 -23.57 18.42 7.48
CA PRO B 172 -23.05 19.18 6.34
C PRO B 172 -23.76 18.86 5.04
N LEU B 173 -24.54 17.79 5.05
CA LEU B 173 -25.26 17.39 3.84
C LEU B 173 -26.64 17.99 3.81
N VAL B 174 -27.14 18.51 4.94
CA VAL B 174 -28.51 19.03 4.97
C VAL B 174 -28.61 20.50 5.31
N GLY B 175 -27.51 21.24 5.31
CA GLY B 175 -27.62 22.66 5.59
C GLY B 175 -26.86 23.23 6.77
N TRP B 176 -26.18 22.38 7.53
CA TRP B 176 -25.38 22.91 8.63
C TRP B 176 -23.94 22.65 8.27
N SER B 177 -23.24 23.72 7.88
CA SER B 177 -21.86 23.64 7.42
C SER B 177 -21.93 23.06 6.03
N ARG B 178 -20.81 22.60 5.49
CA ARG B 178 -20.83 22.03 4.15
C ARG B 178 -19.50 21.39 3.85
N TYR B 179 -19.46 20.50 2.87
CA TYR B 179 -18.21 19.86 2.50
C TYR B 179 -17.56 20.73 1.45
N ILE B 180 -16.27 21.03 1.61
CA ILE B 180 -15.58 21.90 0.67
C ILE B 180 -14.21 21.32 0.36
N PRO B 181 -13.71 21.55 -0.86
CA PRO B 181 -12.39 21.01 -1.24
C PRO B 181 -11.26 21.63 -0.45
N GLU B 182 -10.21 20.86 -0.18
CA GLU B 182 -9.07 21.34 0.60
C GLU B 182 -7.77 21.12 -0.14
N GLY B 183 -6.73 21.81 0.29
CA GLY B 183 -5.40 21.67 -0.28
C GLY B 183 -5.38 21.76 -1.79
N MET B 184 -4.87 20.73 -2.45
CA MET B 184 -4.81 20.71 -3.92
C MET B 184 -6.20 20.55 -4.51
N GLN B 185 -7.22 20.57 -3.66
CA GLN B 185 -8.62 20.47 -4.08
C GLN B 185 -8.98 19.07 -4.56
N CYS B 186 -8.32 18.02 -4.06
CA CYS B 186 -8.65 16.66 -4.50
C CYS B 186 -9.31 15.87 -3.40
N SER B 187 -9.46 16.51 -2.24
CA SER B 187 -10.14 15.90 -1.11
C SER B 187 -11.09 16.96 -0.58
N CYS B 188 -12.12 16.57 0.14
CA CYS B 188 -13.08 17.53 0.66
C CYS B 188 -13.16 17.38 2.17
N GLY B 189 -13.43 18.47 2.88
CA GLY B 189 -13.54 18.41 4.33
C GLY B 189 -14.60 19.38 4.81
N ILE B 190 -14.66 19.62 6.13
CA ILE B 190 -15.63 20.57 6.69
C ILE B 190 -15.15 21.97 6.36
N ASP B 191 -16.07 22.91 6.17
CA ASP B 191 -15.70 24.28 5.79
C ASP B 191 -15.11 25.11 6.93
N TYR B 192 -13.80 25.13 7.07
CA TYR B 192 -13.13 25.93 8.11
C TYR B 192 -12.66 27.20 7.46
N TYR B 193 -12.81 27.29 6.14
CA TYR B 193 -12.31 28.42 5.39
C TYR B 193 -13.19 29.66 5.40
N THR B 194 -14.50 29.48 5.23
CA THR B 194 -15.39 30.63 5.19
C THR B 194 -16.41 30.59 6.30
N PRO B 195 -16.95 31.75 6.68
CA PRO B 195 -17.96 31.84 7.75
C PRO B 195 -19.33 31.48 7.21
N HIS B 196 -19.48 31.59 5.89
CA HIS B 196 -20.74 31.31 5.17
C HIS B 196 -21.91 31.21 6.16
N GLU B 197 -22.37 32.36 6.63
CA GLU B 197 -23.48 32.45 7.58
C GLU B 197 -24.70 31.75 7.03
N GLU B 198 -24.90 31.85 5.72
CA GLU B 198 -26.04 31.24 5.05
C GLU B 198 -26.16 29.77 5.40
N THR B 199 -25.12 29.18 5.99
CA THR B 199 -25.16 27.77 6.31
C THR B 199 -24.62 27.50 7.72
N ASN B 200 -24.35 28.58 8.46
CA ASN B 200 -23.85 28.54 9.85
C ASN B 200 -22.62 27.68 10.01
N ASN B 201 -21.54 28.02 9.29
CA ASN B 201 -20.29 27.26 9.35
C ASN B 201 -19.65 27.34 10.72
N GLU B 202 -19.39 28.56 11.19
CA GLU B 202 -18.72 28.79 12.47
C GLU B 202 -19.31 27.98 13.63
N SER B 203 -20.64 27.94 13.75
CA SER B 203 -21.25 27.18 14.85
C SER B 203 -20.96 25.70 14.70
N PHE B 204 -21.17 25.16 13.50
CA PHE B 204 -20.92 23.74 13.31
C PHE B 204 -19.48 23.37 13.62
N VAL B 205 -18.54 24.25 13.31
CA VAL B 205 -17.12 23.97 13.53
C VAL B 205 -16.79 23.84 15.01
N ILE B 206 -17.41 24.65 15.85
CA ILE B 206 -17.16 24.57 17.29
C ILE B 206 -17.87 23.33 17.83
N TYR B 207 -19.02 23.04 17.25
CA TYR B 207 -19.82 21.88 17.61
C TYR B 207 -18.97 20.64 17.44
N MET B 208 -18.36 20.52 16.27
CA MET B 208 -17.52 19.37 15.92
C MET B 208 -16.29 19.25 16.79
N PHE B 209 -15.51 20.32 16.91
CA PHE B 209 -14.30 20.24 17.72
C PHE B 209 -14.61 19.97 19.18
N VAL B 210 -15.78 20.37 19.64
CA VAL B 210 -16.15 20.16 21.04
C VAL B 210 -16.80 18.79 21.25
N VAL B 211 -17.89 18.52 20.53
CA VAL B 211 -18.61 17.25 20.69
C VAL B 211 -17.87 16.07 20.09
N HIS B 212 -17.49 16.17 18.81
CA HIS B 212 -16.85 15.06 18.10
C HIS B 212 -15.32 15.08 18.11
N PHE B 213 -14.69 15.62 19.15
CA PHE B 213 -13.23 15.61 19.23
C PHE B 213 -12.77 15.80 20.66
N ILE B 214 -12.97 16.98 21.23
CA ILE B 214 -12.52 17.26 22.60
C ILE B 214 -13.15 16.34 23.63
N ILE B 215 -14.47 16.18 23.61
CA ILE B 215 -15.15 15.33 24.58
C ILE B 215 -14.64 13.90 24.48
N PRO B 216 -14.87 13.21 23.35
CA PRO B 216 -14.41 11.83 23.20
C PRO B 216 -13.01 11.60 23.71
N LEU B 217 -12.09 12.52 23.40
CA LEU B 217 -10.71 12.37 23.84
C LEU B 217 -10.62 12.45 25.36
N ILE B 218 -11.43 13.31 25.98
CA ILE B 218 -11.43 13.45 27.45
C ILE B 218 -11.84 12.13 28.07
N VAL B 219 -12.95 11.56 27.58
CA VAL B 219 -13.47 10.29 28.05
C VAL B 219 -12.43 9.19 27.89
N ILE B 220 -11.86 9.09 26.70
CA ILE B 220 -10.86 8.06 26.42
C ILE B 220 -9.64 8.23 27.28
N PHE B 221 -9.08 9.44 27.33
CA PHE B 221 -7.90 9.70 28.14
C PHE B 221 -8.19 9.52 29.61
N PHE B 222 -9.46 9.63 29.99
CA PHE B 222 -9.88 9.47 31.38
C PHE B 222 -9.87 7.99 31.72
N CYS B 223 -10.54 7.20 30.89
CA CYS B 223 -10.63 5.75 31.07
C CYS B 223 -9.23 5.16 31.06
N TYR B 224 -8.24 5.97 30.71
CA TYR B 224 -6.87 5.49 30.69
C TYR B 224 -6.22 5.83 32.01
N GLY B 225 -6.83 6.76 32.74
CA GLY B 225 -6.29 7.15 34.03
C GLY B 225 -6.78 6.19 35.10
N GLN B 226 -8.02 5.74 34.96
CA GLN B 226 -8.62 4.81 35.90
C GLN B 226 -7.94 3.45 35.75
N LEU B 227 -7.01 3.35 34.83
CA LEU B 227 -6.27 2.11 34.60
C LEU B 227 -4.79 2.44 34.54
N VAL B 228 -4.36 3.40 35.36
CA VAL B 228 -2.97 3.81 35.42
C VAL B 228 -2.32 3.07 36.56
N PHE B 229 -3.14 2.59 37.49
CA PHE B 229 -2.66 1.84 38.66
C PHE B 229 -2.92 0.36 38.43
N THR B 230 -4.11 0.04 37.94
CA THR B 230 -4.49 -1.35 37.69
C THR B 230 -3.67 -1.93 36.54
N VAL B 231 -4.21 -1.89 35.32
CA VAL B 231 -3.50 -2.43 34.15
C VAL B 231 -2.44 -1.44 33.68
N LYS B 232 -1.23 -1.94 33.43
CA LYS B 232 -0.12 -1.10 32.99
C LYS B 232 0.75 -1.83 32.00
N GLU B 233 1.96 -1.33 31.80
CA GLU B 233 2.92 -1.92 30.87
C GLU B 233 3.52 -3.17 31.49
N ALA B 234 3.20 -3.42 32.77
CA ALA B 234 3.72 -4.59 33.47
C ALA B 234 2.85 -5.80 33.17
N ALA B 235 3.25 -6.56 32.15
CA ALA B 235 2.51 -7.77 31.74
C ALA B 235 3.49 -8.91 31.60
N ALA B 236 3.63 -9.70 32.65
CA ALA B 236 4.56 -10.84 32.66
C ALA B 236 4.12 -11.88 31.65
N GLN B 237 4.73 -13.06 31.70
CA GLN B 237 4.40 -14.14 30.78
C GLN B 237 2.99 -14.66 31.04
N GLN B 238 2.75 -15.91 30.68
CA GLN B 238 1.43 -16.55 30.87
C GLN B 238 0.94 -16.35 32.29
N GLN B 239 -0.28 -15.82 32.42
CA GLN B 239 -0.90 -15.57 33.73
C GLN B 239 -0.26 -14.38 34.41
N GLU B 240 -0.87 -13.95 35.53
CA GLU B 240 -0.40 -12.83 36.32
C GLU B 240 -1.25 -12.79 37.57
N SER B 241 -2.37 -13.52 37.48
CA SER B 241 -3.37 -13.66 38.55
C SER B 241 -4.45 -14.56 37.95
N ALA B 242 -4.12 -15.09 36.78
CA ALA B 242 -4.96 -15.97 35.97
C ALA B 242 -4.66 -15.62 34.54
N THR B 243 -4.51 -16.62 33.66
CA THR B 243 -4.21 -16.34 32.26
C THR B 243 -5.32 -15.48 31.68
N THR B 244 -6.52 -15.58 32.24
CA THR B 244 -7.66 -14.79 31.78
C THR B 244 -7.37 -13.34 32.05
N GLN B 245 -6.67 -13.07 33.14
CA GLN B 245 -6.31 -11.71 33.53
C GLN B 245 -5.15 -11.25 32.66
N LYS B 246 -4.25 -12.17 32.33
CA LYS B 246 -3.09 -11.84 31.51
C LYS B 246 -3.52 -11.79 30.05
N ALA B 247 -4.69 -12.37 29.76
CA ALA B 247 -5.22 -12.37 28.40
C ALA B 247 -6.00 -11.09 28.19
N GLU B 248 -6.40 -10.46 29.29
CA GLU B 248 -7.16 -9.21 29.22
C GLU B 248 -6.19 -8.07 29.12
N LYS B 249 -4.97 -8.28 29.62
CA LYS B 249 -3.94 -7.26 29.59
C LYS B 249 -3.54 -6.96 28.16
N GLU B 250 -3.50 -7.96 27.29
CA GLU B 250 -3.11 -7.72 25.90
C GLU B 250 -4.22 -7.01 25.16
N VAL B 251 -5.47 -7.30 25.48
CA VAL B 251 -6.60 -6.63 24.82
C VAL B 251 -6.57 -5.15 25.15
N THR B 252 -6.01 -4.80 26.29
CA THR B 252 -5.94 -3.41 26.70
C THR B 252 -4.80 -2.74 25.94
N ARG B 253 -3.71 -3.48 25.72
CA ARG B 253 -2.56 -2.93 25.01
C ARG B 253 -2.93 -2.63 23.58
N MET B 254 -3.82 -3.41 23.00
CA MET B 254 -4.26 -3.19 21.63
C MET B 254 -5.11 -1.94 21.60
N VAL B 255 -6.02 -1.82 22.56
CA VAL B 255 -6.89 -0.66 22.63
C VAL B 255 -6.08 0.61 22.83
N ILE B 256 -4.93 0.52 23.49
CA ILE B 256 -4.08 1.71 23.70
C ILE B 256 -3.37 2.07 22.42
N ILE B 257 -2.93 1.06 21.66
CA ILE B 257 -2.23 1.28 20.40
C ILE B 257 -3.20 1.84 19.37
N MET B 258 -4.43 1.34 19.36
CA MET B 258 -5.45 1.85 18.45
C MET B 258 -5.61 3.35 18.67
N VAL B 259 -5.64 3.76 19.94
CA VAL B 259 -5.80 5.19 20.28
C VAL B 259 -4.57 5.95 19.78
N ILE B 260 -3.39 5.45 20.11
CA ILE B 260 -2.15 6.10 19.69
C ILE B 260 -2.21 6.35 18.18
N ALA B 261 -2.53 5.29 17.44
CA ALA B 261 -2.62 5.35 15.97
C ALA B 261 -3.65 6.37 15.51
N PHE B 262 -4.81 6.42 16.15
CA PHE B 262 -5.84 7.39 15.77
C PHE B 262 -5.28 8.79 15.92
N LEU B 263 -4.61 9.04 17.05
CA LEU B 263 -4.04 10.36 17.32
C LEU B 263 -3.01 10.75 16.28
N ILE B 264 -2.09 9.85 15.97
CA ILE B 264 -1.05 10.11 14.97
C ILE B 264 -1.69 10.42 13.63
N CYS B 265 -2.85 9.81 13.38
CA CYS B 265 -3.56 9.97 12.11
C CYS B 265 -4.39 11.25 12.02
N TRP B 266 -5.05 11.65 13.10
CA TRP B 266 -5.92 12.82 13.02
C TRP B 266 -5.43 14.07 13.73
N LEU B 267 -4.51 13.97 14.67
CA LEU B 267 -4.05 15.19 15.36
C LEU B 267 -3.47 16.15 14.33
N PRO B 268 -2.66 15.66 13.38
CA PRO B 268 -2.12 16.62 12.41
C PRO B 268 -3.21 17.25 11.58
N TYR B 269 -4.15 16.45 11.08
CA TYR B 269 -5.24 17.00 10.26
C TYR B 269 -6.11 17.91 11.11
N ALA B 270 -6.44 17.49 12.32
CA ALA B 270 -7.29 18.29 13.21
C ALA B 270 -6.58 19.62 13.50
N GLY B 271 -5.27 19.55 13.71
CA GLY B 271 -4.50 20.74 14.02
C GLY B 271 -4.55 21.79 12.94
N VAL B 272 -4.23 21.39 11.71
CA VAL B 272 -4.24 22.30 10.57
C VAL B 272 -5.64 22.83 10.37
N ALA B 273 -6.63 21.99 10.59
CA ALA B 273 -8.03 22.40 10.43
C ALA B 273 -8.33 23.51 11.42
N PHE B 274 -7.98 23.28 12.69
CA PHE B 274 -8.24 24.26 13.74
C PHE B 274 -7.47 25.54 13.49
N TYR B 275 -6.27 25.42 12.92
CA TYR B 275 -5.45 26.60 12.61
C TYR B 275 -6.19 27.47 11.59
N ILE B 276 -6.49 26.88 10.43
CA ILE B 276 -7.19 27.56 9.35
C ILE B 276 -8.44 28.28 9.86
N PHE B 277 -9.23 27.60 10.69
CA PHE B 277 -10.46 28.18 11.24
C PHE B 277 -10.15 29.43 12.05
N THR B 278 -9.04 29.43 12.79
CA THR B 278 -8.68 30.58 13.61
C THR B 278 -7.76 31.55 12.85
N HIS B 279 -7.53 31.31 11.56
CA HIS B 279 -6.68 32.19 10.74
C HIS B 279 -7.24 32.27 9.34
N GLN B 280 -8.55 32.38 9.25
CA GLN B 280 -9.22 32.43 7.96
C GLN B 280 -8.69 33.57 7.15
N GLY B 281 -8.49 33.35 5.85
CA GLY B 281 -8.00 34.42 5.00
C GLY B 281 -6.50 34.56 5.01
N SER B 282 -5.82 33.94 5.98
CA SER B 282 -4.37 34.02 6.08
C SER B 282 -3.73 33.39 4.86
N ASP B 283 -2.43 33.63 4.69
CA ASP B 283 -1.72 33.15 3.52
C ASP B 283 -1.18 31.74 3.62
N PHE B 284 -2.05 30.75 3.62
CA PHE B 284 -1.59 29.34 3.61
C PHE B 284 -1.85 28.85 2.20
N GLY B 285 -1.21 27.76 1.81
CA GLY B 285 -1.39 27.24 0.45
C GLY B 285 -1.92 25.83 0.34
N PRO B 286 -1.94 25.29 -0.88
CA PRO B 286 -2.42 23.92 -1.16
C PRO B 286 -1.76 22.73 -0.51
N ILE B 287 -0.46 22.76 -0.24
CA ILE B 287 0.21 21.59 0.35
C ILE B 287 0.00 21.55 1.84
N PHE B 288 -0.36 22.69 2.40
CA PHE B 288 -0.61 22.83 3.84
C PHE B 288 -1.62 21.80 4.35
N MET B 289 -2.79 21.73 3.73
CA MET B 289 -3.82 20.79 4.18
C MET B 289 -3.76 19.45 3.41
N THR B 290 -3.11 19.41 2.26
CA THR B 290 -3.08 18.17 1.48
C THR B 290 -2.36 17.04 2.20
N ILE B 291 -1.18 17.29 2.71
CA ILE B 291 -0.42 16.24 3.38
C ILE B 291 -1.21 15.64 4.54
N PRO B 292 -1.59 16.45 5.53
CA PRO B 292 -2.35 15.86 6.63
C PRO B 292 -3.67 15.25 6.20
N ALA B 293 -4.40 15.91 5.29
CA ALA B 293 -5.69 15.37 4.85
C ALA B 293 -5.52 14.02 4.17
N PHE B 294 -4.51 13.86 3.33
CA PHE B 294 -4.33 12.58 2.65
C PHE B 294 -3.69 11.56 3.56
N PHE B 295 -2.89 12.00 4.52
CA PHE B 295 -2.27 11.04 5.40
C PHE B 295 -3.35 10.38 6.27
N ALA B 296 -4.30 11.17 6.77
CA ALA B 296 -5.38 10.64 7.63
C ALA B 296 -6.22 9.59 6.92
N LYS B 297 -6.16 9.52 5.60
CA LYS B 297 -6.98 8.53 4.86
C LYS B 297 -6.46 7.12 5.07
N THR B 298 -5.32 6.97 5.74
CA THR B 298 -4.77 5.63 6.00
C THR B 298 -5.56 5.02 7.14
N SER B 299 -6.52 5.79 7.66
CA SER B 299 -7.34 5.32 8.76
C SER B 299 -8.22 4.20 8.28
N ALA B 300 -8.35 4.03 6.97
CA ALA B 300 -9.18 2.97 6.44
C ALA B 300 -8.41 1.67 6.37
N VAL B 301 -7.19 1.58 6.92
CA VAL B 301 -6.46 0.31 6.81
C VAL B 301 -5.62 -0.05 8.03
N TYR B 302 -5.23 0.92 8.86
CA TYR B 302 -4.33 0.59 10.00
C TYR B 302 -4.98 -0.21 11.12
N ASN B 303 -6.29 -0.14 11.31
CA ASN B 303 -6.89 -0.90 12.40
C ASN B 303 -6.72 -2.38 12.18
N PRO B 304 -7.07 -2.91 10.99
CA PRO B 304 -6.90 -4.35 10.80
C PRO B 304 -5.47 -4.80 10.99
N VAL B 305 -4.51 -3.93 10.71
CA VAL B 305 -3.10 -4.29 10.87
C VAL B 305 -2.79 -4.48 12.35
N ILE B 306 -3.21 -3.53 13.18
CA ILE B 306 -2.95 -3.63 14.63
C ILE B 306 -3.54 -4.94 15.11
N TYR B 307 -4.81 -5.14 14.78
CA TYR B 307 -5.61 -6.32 15.13
C TYR B 307 -4.84 -7.61 14.86
N ILE B 308 -4.51 -7.87 13.59
CA ILE B 308 -3.80 -9.09 13.18
C ILE B 308 -2.46 -9.21 13.89
N MET B 309 -1.89 -8.10 14.32
CA MET B 309 -0.58 -8.13 14.96
C MET B 309 -0.66 -8.13 16.46
N MET B 310 -1.78 -7.68 17.03
CA MET B 310 -1.88 -7.62 18.48
C MET B 310 -2.96 -8.52 19.02
N ASN B 311 -3.50 -9.44 18.21
CA ASN B 311 -4.53 -10.33 18.72
C ASN B 311 -4.31 -11.75 18.24
N LYS B 312 -3.69 -12.54 19.10
CA LYS B 312 -3.35 -13.94 18.84
C LYS B 312 -4.54 -14.71 18.32
N GLN B 313 -5.67 -14.60 19.01
CA GLN B 313 -6.88 -15.31 18.63
C GLN B 313 -7.32 -14.94 17.23
N PHE B 314 -7.60 -13.66 16.97
CA PHE B 314 -8.05 -13.24 15.66
C PHE B 314 -7.05 -13.60 14.57
N ARG B 315 -5.76 -13.46 14.87
CA ARG B 315 -4.72 -13.77 13.90
C ARG B 315 -4.80 -15.23 13.52
N ASN B 316 -4.87 -16.09 14.53
CA ASN B 316 -4.93 -17.52 14.29
C ASN B 316 -6.21 -17.90 13.59
N CYS B 317 -7.31 -17.22 13.88
CA CYS B 317 -8.56 -17.55 13.22
C CYS B 317 -8.46 -17.14 11.76
N MET B 318 -7.77 -16.03 11.50
CA MET B 318 -7.57 -15.53 10.17
C MET B 318 -6.71 -16.50 9.37
N VAL B 319 -5.59 -16.92 9.95
CA VAL B 319 -4.70 -17.85 9.28
C VAL B 319 -5.48 -19.11 8.94
N THR B 320 -6.31 -19.57 9.87
CA THR B 320 -7.10 -20.77 9.62
C THR B 320 -8.05 -20.56 8.46
N THR B 321 -8.70 -19.41 8.42
CA THR B 321 -9.63 -19.09 7.33
C THR B 321 -8.91 -19.06 5.98
N LEU B 322 -7.70 -18.53 5.94
CA LEU B 322 -6.95 -18.44 4.70
C LEU B 322 -6.42 -19.80 4.24
N CYS B 323 -6.18 -20.72 5.17
CA CYS B 323 -5.68 -22.04 4.79
C CYS B 323 -6.85 -22.96 4.57
N CYS B 324 -7.94 -22.40 4.07
CA CYS B 324 -9.16 -23.13 3.77
C CYS B 324 -9.45 -24.15 4.85
N GLY B 325 -8.98 -25.39 4.68
CA GLY B 325 -9.22 -26.42 5.67
C GLY B 325 -9.09 -25.91 7.10
N LYS B 326 -7.87 -25.99 7.64
CA LYS B 326 -7.61 -25.53 9.00
C LYS B 326 -6.14 -25.22 9.12
N ASN B 327 -5.32 -26.26 8.93
CA ASN B 327 -3.87 -26.14 8.99
C ASN B 327 -3.44 -25.04 9.94
N PRO B 328 -3.80 -25.15 11.23
CA PRO B 328 -3.43 -24.13 12.21
C PRO B 328 -1.97 -24.29 12.63
N LEU B 329 -1.50 -25.53 12.63
CA LEU B 329 -0.14 -25.85 13.02
C LEU B 329 0.16 -25.21 14.36
N GLY B 330 1.02 -24.20 14.34
CA GLY B 330 1.42 -23.46 15.54
C GLY B 330 1.00 -23.99 16.91
N ASP B 331 0.43 -23.09 17.71
CA ASP B 331 -0.01 -23.41 19.07
C ASP B 331 -1.51 -23.63 19.08
N ASP B 332 -2.16 -23.30 17.96
CA ASP B 332 -3.62 -23.44 17.78
C ASP B 332 -4.30 -22.17 18.26
N GLU B 333 -3.87 -21.62 19.39
CA GLU B 333 -4.46 -20.38 19.91
C GLU B 333 -3.97 -20.11 21.33
N ALA B 334 -3.48 -21.13 22.01
CA ALA B 334 -2.99 -20.97 23.40
C ALA B 334 -4.19 -20.88 24.34
N SER B 335 -5.29 -20.32 23.84
CA SER B 335 -6.52 -20.17 24.62
C SER B 335 -7.65 -20.86 23.86
N THR B 336 -8.55 -20.07 23.27
CA THR B 336 -9.67 -20.62 22.51
C THR B 336 -9.58 -20.18 21.07
N THR B 337 -9.45 -21.14 20.15
CA THR B 337 -9.36 -20.84 18.72
C THR B 337 -10.74 -20.78 18.13
N VAL B 338 -10.86 -20.46 16.84
CA VAL B 338 -12.17 -20.39 16.21
C VAL B 338 -12.09 -20.60 14.72
N SER B 339 -13.20 -21.04 14.15
CA SER B 339 -13.37 -21.30 12.71
C SER B 339 -14.79 -21.78 12.49
N LYS B 340 -15.25 -21.75 11.25
CA LYS B 340 -16.60 -22.19 10.95
C LYS B 340 -16.63 -23.71 10.96
N THR B 341 -15.51 -24.33 11.31
CA THR B 341 -15.45 -25.78 11.37
C THR B 341 -14.09 -26.28 11.85
N GLU B 342 -13.64 -25.88 13.03
CA GLU B 342 -12.35 -26.36 13.56
C GLU B 342 -12.42 -26.60 15.05
N THR B 343 -12.56 -25.54 15.85
CA THR B 343 -12.63 -25.67 17.31
C THR B 343 -13.36 -24.47 17.89
N SER B 344 -14.35 -23.95 17.16
CA SER B 344 -15.13 -22.81 17.63
C SER B 344 -16.14 -23.34 18.63
N GLN B 345 -16.11 -24.64 18.85
CA GLN B 345 -17.02 -25.33 19.79
C GLN B 345 -16.92 -24.68 21.15
N VAL B 346 -18.04 -24.10 21.59
CA VAL B 346 -18.13 -23.40 22.88
C VAL B 346 -17.66 -24.27 24.03
N ALA B 347 -17.34 -23.59 25.14
CA ALA B 347 -16.86 -24.23 26.36
C ALA B 347 -16.39 -23.18 27.37
N PRO B 348 -16.93 -21.93 27.32
CA PRO B 348 -16.49 -20.93 28.30
C PRO B 348 -17.09 -21.13 29.66
N ALA B 349 -18.41 -21.12 29.74
CA ALA B 349 -19.12 -21.29 31.01
C ALA B 349 -19.21 -22.76 31.36
#